data_8YZG
# 
_entry.id   8YZG 
# 
_audit_conform.dict_name       mmcif_pdbx.dic 
_audit_conform.dict_version    5.402 
_audit_conform.dict_location   http://mmcif.pdb.org/dictionaries/ascii/mmcif_pdbx.dic 
# 
loop_
_database_2.database_id 
_database_2.database_code 
_database_2.pdbx_database_accession 
_database_2.pdbx_DOI 
PDB   8YZG         pdb_00008yzg 10.2210/pdb8yzg/pdb 
WWPDB D_1300046675 ?            ?                   
# 
_pdbx_audit_revision_history.ordinal             1 
_pdbx_audit_revision_history.data_content_type   'Structure model' 
_pdbx_audit_revision_history.major_revision      1 
_pdbx_audit_revision_history.minor_revision      0 
_pdbx_audit_revision_history.revision_date       2025-04-09 
_pdbx_audit_revision_history.part_number         ? 
# 
_pdbx_audit_revision_details.ordinal             1 
_pdbx_audit_revision_details.revision_ordinal    1 
_pdbx_audit_revision_details.data_content_type   'Structure model' 
_pdbx_audit_revision_details.provider            repository 
_pdbx_audit_revision_details.type                'Initial release' 
_pdbx_audit_revision_details.description         ? 
_pdbx_audit_revision_details.details             ? 
# 
_pdbx_database_status.status_code                     REL 
_pdbx_database_status.status_code_sf                  REL 
_pdbx_database_status.status_code_mr                  ? 
_pdbx_database_status.entry_id                        8YZG 
_pdbx_database_status.recvd_initial_deposition_date   2024-04-06 
_pdbx_database_status.SG_entry                        N 
_pdbx_database_status.deposit_site                    PDBJ 
_pdbx_database_status.process_site                    PDBJ 
_pdbx_database_status.status_code_cs                  ? 
_pdbx_database_status.status_code_nmr_data            ? 
_pdbx_database_status.methods_development_category    ? 
_pdbx_database_status.pdb_format_compatible           Y 
# 
_pdbx_contact_author.id                 2 
_pdbx_contact_author.email              pharmnmr@ajou.ac.kr 
_pdbx_contact_author.name_first         Bong-Jin 
_pdbx_contact_author.name_last          Lee 
_pdbx_contact_author.name_mi            ? 
_pdbx_contact_author.role               'principal investigator/group leader' 
_pdbx_contact_author.identifier_ORCID   0000-0001-7896-2961 
# 
loop_
_audit_author.name 
_audit_author.pdbx_ordinal 
_audit_author.identifier_ORCID 
'Kim, D.H.'  1 ? 
'Kang, S.M.' 2 ? 
'Lee, B.J.'  3 ? 
# 
_citation.abstract                  ? 
_citation.abstract_id_CAS           ? 
_citation.book_id_ISBN              ? 
_citation.book_publisher            ? 
_citation.book_publisher_city       ? 
_citation.book_title                ? 
_citation.coordinate_linkage        ? 
_citation.country                   US 
_citation.database_id_Medline       ? 
_citation.details                   ? 
_citation.id                        primary 
_citation.journal_abbrev            J.Cell.Biochem. 
_citation.journal_id_ASTM           ? 
_citation.journal_id_CSD            ? 
_citation.journal_id_ISSN           1097-4644 
_citation.journal_full              ? 
_citation.journal_issue             ? 
_citation.journal_volume            126 
_citation.language                  ? 
_citation.page_first                e30672 
_citation.page_last                 e30672 
_citation.title                     
'Structural and Functional Insight Into YefM-YoeB Complex of Toxin-Antitoxin System From Streptococcus pneumoniae.' 
_citation.year                      2025 
_citation.database_id_CSD           ? 
_citation.pdbx_database_id_DOI      10.1002/jcb.30672 
_citation.pdbx_database_id_PubMed   39530329 
_citation.pdbx_database_id_patent   ? 
_citation.unpublished_flag          ? 
# 
loop_
_citation_author.citation_id 
_citation_author.name 
_citation_author.ordinal 
_citation_author.identifier_ORCID 
primary 'Kim, D.H.'  1 0000-0003-2864-9891 
primary 'Lee, Y.C.'  2 ?                   
primary 'Jin, C.'    3 ?                   
primary 'Kang, S.M.' 4 ?                   
primary 'Kang, S.J.' 5 ?                   
primary 'Kang, H.S.' 6 ?                   
primary 'Lee, B.J.'  7 ?                   
# 
loop_
_entity.id 
_entity.type 
_entity.src_method 
_entity.pdbx_description 
_entity.formula_weight 
_entity.pdbx_number_of_molecules 
_entity.pdbx_ec 
_entity.pdbx_mutation 
_entity.pdbx_fragment 
_entity.details 
1 polymer man Antitoxin 6979.872 1  ? ? ? ? 
2 water   nat water     18.015   51 ? ? ? ? 
# 
_entity_poly.entity_id                      1 
_entity_poly.type                           'polypeptide(L)' 
_entity_poly.nstd_linkage                   no 
_entity_poly.nstd_monomer                   no 
_entity_poly.pdbx_seq_one_letter_code       MEAVLYSTFRNHLKDYMKKVNDEFEPLTVVNKNPDEDIVVLSKSEWDSIQETLRIAQNK 
_entity_poly.pdbx_seq_one_letter_code_can   MEAVLYSTFRNHLKDYMKKVNDEFEPLTVVNKNPDEDIVVLSKSEWDSIQETLRIAQNK 
_entity_poly.pdbx_strand_id                 A 
_entity_poly.pdbx_target_identifier         ? 
# 
_pdbx_entity_nonpoly.entity_id   2 
_pdbx_entity_nonpoly.name        water 
_pdbx_entity_nonpoly.comp_id     HOH 
# 
loop_
_entity_poly_seq.entity_id 
_entity_poly_seq.num 
_entity_poly_seq.mon_id 
_entity_poly_seq.hetero 
1 1  MET n 
1 2  GLU n 
1 3  ALA n 
1 4  VAL n 
1 5  LEU n 
1 6  TYR n 
1 7  SER n 
1 8  THR n 
1 9  PHE n 
1 10 ARG n 
1 11 ASN n 
1 12 HIS n 
1 13 LEU n 
1 14 LYS n 
1 15 ASP n 
1 16 TYR n 
1 17 MET n 
1 18 LYS n 
1 19 LYS n 
1 20 VAL n 
1 21 ASN n 
1 22 ASP n 
1 23 GLU n 
1 24 PHE n 
1 25 GLU n 
1 26 PRO n 
1 27 LEU n 
1 28 THR n 
1 29 VAL n 
1 30 VAL n 
1 31 ASN n 
1 32 LYS n 
1 33 ASN n 
1 34 PRO n 
1 35 ASP n 
1 36 GLU n 
1 37 ASP n 
1 38 ILE n 
1 39 VAL n 
1 40 VAL n 
1 41 LEU n 
1 42 SER n 
1 43 LYS n 
1 44 SER n 
1 45 GLU n 
1 46 TRP n 
1 47 ASP n 
1 48 SER n 
1 49 ILE n 
1 50 GLN n 
1 51 GLU n 
1 52 THR n 
1 53 LEU n 
1 54 ARG n 
1 55 ILE n 
1 56 ALA n 
1 57 GLN n 
1 58 ASN n 
1 59 LYS n 
# 
_entity_src_gen.entity_id                          1 
_entity_src_gen.pdbx_src_id                        1 
_entity_src_gen.pdbx_alt_source_flag               sample 
_entity_src_gen.pdbx_seq_type                      'Biological sequence' 
_entity_src_gen.pdbx_beg_seq_num                   1 
_entity_src_gen.pdbx_end_seq_num                   59 
_entity_src_gen.gene_src_common_name               ? 
_entity_src_gen.gene_src_genus                     ? 
_entity_src_gen.pdbx_gene_src_gene                 SP_1741 
_entity_src_gen.gene_src_species                   ? 
_entity_src_gen.gene_src_strain                    ? 
_entity_src_gen.gene_src_tissue                    ? 
_entity_src_gen.gene_src_tissue_fraction           ? 
_entity_src_gen.gene_src_details                   ? 
_entity_src_gen.pdbx_gene_src_fragment             ? 
_entity_src_gen.pdbx_gene_src_scientific_name      'Streptococcus pneumoniae TIGR4' 
_entity_src_gen.pdbx_gene_src_ncbi_taxonomy_id     170187 
_entity_src_gen.pdbx_gene_src_variant              ? 
_entity_src_gen.pdbx_gene_src_cell_line            ? 
_entity_src_gen.pdbx_gene_src_atcc                 ? 
_entity_src_gen.pdbx_gene_src_organ                ? 
_entity_src_gen.pdbx_gene_src_organelle            ? 
_entity_src_gen.pdbx_gene_src_cell                 ? 
_entity_src_gen.pdbx_gene_src_cellular_location    ? 
_entity_src_gen.host_org_common_name               ? 
_entity_src_gen.pdbx_host_org_scientific_name      'Escherichia coli' 
_entity_src_gen.pdbx_host_org_ncbi_taxonomy_id     562 
_entity_src_gen.host_org_genus                     ? 
_entity_src_gen.pdbx_host_org_gene                 ? 
_entity_src_gen.pdbx_host_org_organ                ? 
_entity_src_gen.host_org_species                   ? 
_entity_src_gen.pdbx_host_org_tissue               ? 
_entity_src_gen.pdbx_host_org_tissue_fraction      ? 
_entity_src_gen.pdbx_host_org_strain               ? 
_entity_src_gen.pdbx_host_org_variant              ? 
_entity_src_gen.pdbx_host_org_cell_line            ? 
_entity_src_gen.pdbx_host_org_atcc                 ? 
_entity_src_gen.pdbx_host_org_culture_collection   ? 
_entity_src_gen.pdbx_host_org_cell                 ? 
_entity_src_gen.pdbx_host_org_organelle            ? 
_entity_src_gen.pdbx_host_org_cellular_location    ? 
_entity_src_gen.pdbx_host_org_vector_type          ? 
_entity_src_gen.pdbx_host_org_vector               ? 
_entity_src_gen.host_org_details                   ? 
_entity_src_gen.expression_system_id               ? 
_entity_src_gen.plasmid_name                       ? 
_entity_src_gen.plasmid_details                    ? 
_entity_src_gen.pdbx_description                   ? 
# 
loop_
_chem_comp.id 
_chem_comp.type 
_chem_comp.mon_nstd_flag 
_chem_comp.name 
_chem_comp.pdbx_synonyms 
_chem_comp.formula 
_chem_comp.formula_weight 
ALA 'L-peptide linking' y ALANINE         ? 'C3 H7 N O2'     89.093  
ARG 'L-peptide linking' y ARGININE        ? 'C6 H15 N4 O2 1' 175.209 
ASN 'L-peptide linking' y ASPARAGINE      ? 'C4 H8 N2 O3'    132.118 
ASP 'L-peptide linking' y 'ASPARTIC ACID' ? 'C4 H7 N O4'     133.103 
GLN 'L-peptide linking' y GLUTAMINE       ? 'C5 H10 N2 O3'   146.144 
GLU 'L-peptide linking' y 'GLUTAMIC ACID' ? 'C5 H9 N O4'     147.129 
HIS 'L-peptide linking' y HISTIDINE       ? 'C6 H10 N3 O2 1' 156.162 
HOH non-polymer         . WATER           ? 'H2 O'           18.015  
ILE 'L-peptide linking' y ISOLEUCINE      ? 'C6 H13 N O2'    131.173 
LEU 'L-peptide linking' y LEUCINE         ? 'C6 H13 N O2'    131.173 
LYS 'L-peptide linking' y LYSINE          ? 'C6 H15 N2 O2 1' 147.195 
MET 'L-peptide linking' y METHIONINE      ? 'C5 H11 N O2 S'  149.211 
PHE 'L-peptide linking' y PHENYLALANINE   ? 'C9 H11 N O2'    165.189 
PRO 'L-peptide linking' y PROLINE         ? 'C5 H9 N O2'     115.130 
SER 'L-peptide linking' y SERINE          ? 'C3 H7 N O3'     105.093 
THR 'L-peptide linking' y THREONINE       ? 'C4 H9 N O3'     119.119 
TRP 'L-peptide linking' y TRYPTOPHAN      ? 'C11 H12 N2 O2'  204.225 
TYR 'L-peptide linking' y TYROSINE        ? 'C9 H11 N O3'    181.189 
VAL 'L-peptide linking' y VALINE          ? 'C5 H11 N O2'    117.146 
# 
loop_
_pdbx_poly_seq_scheme.asym_id 
_pdbx_poly_seq_scheme.entity_id 
_pdbx_poly_seq_scheme.seq_id 
_pdbx_poly_seq_scheme.mon_id 
_pdbx_poly_seq_scheme.ndb_seq_num 
_pdbx_poly_seq_scheme.pdb_seq_num 
_pdbx_poly_seq_scheme.auth_seq_num 
_pdbx_poly_seq_scheme.pdb_mon_id 
_pdbx_poly_seq_scheme.auth_mon_id 
_pdbx_poly_seq_scheme.pdb_strand_id 
_pdbx_poly_seq_scheme.pdb_ins_code 
_pdbx_poly_seq_scheme.hetero 
A 1 1  MET 1  1  1  MET MET A . n 
A 1 2  GLU 2  2  2  GLU GLU A . n 
A 1 3  ALA 3  3  3  ALA ALA A . n 
A 1 4  VAL 4  4  4  VAL VAL A . n 
A 1 5  LEU 5  5  5  LEU LEU A . n 
A 1 6  TYR 6  6  6  TYR TYR A . n 
A 1 7  SER 7  7  7  SER SER A . n 
A 1 8  THR 8  8  8  THR THR A . n 
A 1 9  PHE 9  9  9  PHE PHE A . n 
A 1 10 ARG 10 10 10 ARG ARG A . n 
A 1 11 ASN 11 11 11 ASN ASN A . n 
A 1 12 HIS 12 12 12 HIS HIS A . n 
A 1 13 LEU 13 13 13 LEU LEU A . n 
A 1 14 LYS 14 14 14 LYS LYS A . n 
A 1 15 ASP 15 15 15 ASP ASP A . n 
A 1 16 TYR 16 16 16 TYR TYR A . n 
A 1 17 MET 17 17 17 MET MET A . n 
A 1 18 LYS 18 18 18 LYS LYS A . n 
A 1 19 LYS 19 19 19 LYS LYS A . n 
A 1 20 VAL 20 20 20 VAL VAL A . n 
A 1 21 ASN 21 21 21 ASN ASN A . n 
A 1 22 ASP 22 22 22 ASP ASP A . n 
A 1 23 GLU 23 23 23 GLU GLU A . n 
A 1 24 PHE 24 24 24 PHE PHE A . n 
A 1 25 GLU 25 25 25 GLU GLU A . n 
A 1 26 PRO 26 26 26 PRO PRO A . n 
A 1 27 LEU 27 27 27 LEU LEU A . n 
A 1 28 THR 28 28 28 THR THR A . n 
A 1 29 VAL 29 29 29 VAL VAL A . n 
A 1 30 VAL 30 30 30 VAL VAL A . n 
A 1 31 ASN 31 31 31 ASN ASN A . n 
A 1 32 LYS 32 32 32 LYS LYS A . n 
A 1 33 ASN 33 33 33 ASN ASN A . n 
A 1 34 PRO 34 34 34 PRO PRO A . n 
A 1 35 ASP 35 35 35 ASP ASP A . n 
A 1 36 GLU 36 36 36 GLU GLU A . n 
A 1 37 ASP 37 37 37 ASP ASP A . n 
A 1 38 ILE 38 38 38 ILE ILE A . n 
A 1 39 VAL 39 39 39 VAL VAL A . n 
A 1 40 VAL 40 40 40 VAL VAL A . n 
A 1 41 LEU 41 41 41 LEU LEU A . n 
A 1 42 SER 42 42 42 SER SER A . n 
A 1 43 LYS 43 43 43 LYS LYS A . n 
A 1 44 SER 44 44 44 SER SER A . n 
A 1 45 GLU 45 45 45 GLU GLU A . n 
A 1 46 TRP 46 46 46 TRP TRP A . n 
A 1 47 ASP 47 47 47 ASP ASP A . n 
A 1 48 SER 48 48 48 SER SER A . n 
A 1 49 ILE 49 49 49 ILE ILE A . n 
A 1 50 GLN 50 50 50 GLN GLN A . n 
A 1 51 GLU 51 51 51 GLU GLU A . n 
A 1 52 THR 52 52 52 THR THR A . n 
A 1 53 LEU 53 53 53 LEU LEU A . n 
A 1 54 ARG 54 54 54 ARG ARG A . n 
A 1 55 ILE 55 55 55 ILE ILE A . n 
A 1 56 ALA 56 56 56 ALA ALA A . n 
A 1 57 GLN 57 57 57 GLN GLN A . n 
A 1 58 ASN 58 58 58 ASN ASN A . n 
A 1 59 LYS 59 59 59 LYS LYS A . n 
# 
loop_
_pdbx_nonpoly_scheme.asym_id 
_pdbx_nonpoly_scheme.entity_id 
_pdbx_nonpoly_scheme.mon_id 
_pdbx_nonpoly_scheme.ndb_seq_num 
_pdbx_nonpoly_scheme.pdb_seq_num 
_pdbx_nonpoly_scheme.auth_seq_num 
_pdbx_nonpoly_scheme.pdb_mon_id 
_pdbx_nonpoly_scheme.auth_mon_id 
_pdbx_nonpoly_scheme.pdb_strand_id 
_pdbx_nonpoly_scheme.pdb_ins_code 
B 2 HOH 1  101 23 HOH HOH A . 
B 2 HOH 2  102 45 HOH HOH A . 
B 2 HOH 3  103 47 HOH HOH A . 
B 2 HOH 4  104 71 HOH HOH A . 
B 2 HOH 5  105 58 HOH HOH A . 
B 2 HOH 6  106 5  HOH HOH A . 
B 2 HOH 7  107 28 HOH HOH A . 
B 2 HOH 8  108 2  HOH HOH A . 
B 2 HOH 9  109 20 HOH HOH A . 
B 2 HOH 10 110 16 HOH HOH A . 
B 2 HOH 11 111 19 HOH HOH A . 
B 2 HOH 12 112 25 HOH HOH A . 
B 2 HOH 13 113 24 HOH HOH A . 
B 2 HOH 14 114 49 HOH HOH A . 
B 2 HOH 15 115 59 HOH HOH A . 
B 2 HOH 16 116 6  HOH HOH A . 
B 2 HOH 17 117 29 HOH HOH A . 
B 2 HOH 18 118 22 HOH HOH A . 
B 2 HOH 19 119 42 HOH HOH A . 
B 2 HOH 20 120 18 HOH HOH A . 
B 2 HOH 21 121 1  HOH HOH A . 
B 2 HOH 22 122 17 HOH HOH A . 
B 2 HOH 23 123 3  HOH HOH A . 
B 2 HOH 24 124 52 HOH HOH A . 
B 2 HOH 25 125 51 HOH HOH A . 
B 2 HOH 26 126 48 HOH HOH A . 
B 2 HOH 27 127 9  HOH HOH A . 
B 2 HOH 28 128 7  HOH HOH A . 
B 2 HOH 29 129 13 HOH HOH A . 
B 2 HOH 30 130 11 HOH HOH A . 
B 2 HOH 31 131 27 HOH HOH A . 
B 2 HOH 32 132 21 HOH HOH A . 
B 2 HOH 33 133 14 HOH HOH A . 
B 2 HOH 34 134 75 HOH HOH A . 
B 2 HOH 35 135 31 HOH HOH A . 
B 2 HOH 36 136 4  HOH HOH A . 
B 2 HOH 37 137 50 HOH HOH A . 
B 2 HOH 38 138 30 HOH HOH A . 
B 2 HOH 39 139 76 HOH HOH A . 
B 2 HOH 40 140 12 HOH HOH A . 
B 2 HOH 41 141 15 HOH HOH A . 
B 2 HOH 42 142 10 HOH HOH A . 
B 2 HOH 43 143 8  HOH HOH A . 
B 2 HOH 44 144 26 HOH HOH A . 
B 2 HOH 45 145 44 HOH HOH A . 
B 2 HOH 46 146 57 HOH HOH A . 
B 2 HOH 47 147 37 HOH HOH A . 
B 2 HOH 48 148 53 HOH HOH A . 
B 2 HOH 49 149 35 HOH HOH A . 
B 2 HOH 50 150 73 HOH HOH A . 
B 2 HOH 51 151 43 HOH HOH A . 
# 
loop_
_software.citation_id 
_software.classification 
_software.compiler_name 
_software.compiler_version 
_software.contact_author 
_software.contact_author_email 
_software.date 
_software.description 
_software.dependencies 
_software.hardware 
_software.language 
_software.location 
_software.mods 
_software.name 
_software.os 
_software.os_version 
_software.type 
_software.version 
_software.pdbx_ordinal 
? refinement       ? ? ? ? ? ? ? ? ? ? ? PHENIX ? ? ? 1.16_3549 1 
? 'data reduction' ? ? ? ? ? ? ? ? ? ? ? XDS    ? ? ? .         2 
? 'data scaling'   ? ? ? ? ? ? ? ? ? ? ? XDS    ? ? ? .         3 
? phasing          ? ? ? ? ? ? ? ? ? ? ? PHENIX ? ? ? .         4 
# 
_cell.angle_alpha                  90.000 
_cell.angle_alpha_esd              ? 
_cell.angle_beta                   90.000 
_cell.angle_beta_esd               ? 
_cell.angle_gamma                  90.000 
_cell.angle_gamma_esd              ? 
_cell.entry_id                     8YZG 
_cell.details                      ? 
_cell.formula_units_Z              ? 
_cell.length_a                     37.273 
_cell.length_a_esd                 ? 
_cell.length_b                     37.273 
_cell.length_b_esd                 ? 
_cell.length_c                     89.802 
_cell.length_c_esd                 ? 
_cell.volume                       124759.811 
_cell.volume_esd                   ? 
_cell.Z_PDB                        8 
_cell.reciprocal_angle_alpha       ? 
_cell.reciprocal_angle_beta        ? 
_cell.reciprocal_angle_gamma       ? 
_cell.reciprocal_angle_alpha_esd   ? 
_cell.reciprocal_angle_beta_esd    ? 
_cell.reciprocal_angle_gamma_esd   ? 
_cell.reciprocal_length_a          ? 
_cell.reciprocal_length_b          ? 
_cell.reciprocal_length_c          ? 
_cell.reciprocal_length_a_esd      ? 
_cell.reciprocal_length_b_esd      ? 
_cell.reciprocal_length_c_esd      ? 
_cell.pdbx_unique_axis             ? 
_cell.pdbx_esd_method              ? 
# 
_symmetry.entry_id                         8YZG 
_symmetry.cell_setting                     ? 
_symmetry.Int_Tables_number                92 
_symmetry.space_group_name_Hall            'P 4abw 2nw' 
_symmetry.space_group_name_H-M             'P 41 21 2' 
_symmetry.pdbx_full_space_group_name_H-M   ? 
# 
_exptl.absorpt_coefficient_mu     ? 
_exptl.absorpt_correction_T_max   ? 
_exptl.absorpt_correction_T_min   ? 
_exptl.absorpt_correction_type    ? 
_exptl.absorpt_process_details    ? 
_exptl.entry_id                   8YZG 
_exptl.crystals_number            1 
_exptl.details                    ? 
_exptl.method                     'X-RAY DIFFRACTION' 
_exptl.method_details             ? 
# 
_exptl_crystal.colour                       ? 
_exptl_crystal.density_diffrn               ? 
_exptl_crystal.density_Matthews             2.23 
_exptl_crystal.density_method               ? 
_exptl_crystal.density_percent_sol          44.95 
_exptl_crystal.description                  ? 
_exptl_crystal.F_000                        ? 
_exptl_crystal.id                           1 
_exptl_crystal.preparation                  ? 
_exptl_crystal.size_max                     ? 
_exptl_crystal.size_mid                     ? 
_exptl_crystal.size_min                     ? 
_exptl_crystal.size_rad                     ? 
_exptl_crystal.colour_lustre                ? 
_exptl_crystal.colour_modifier              ? 
_exptl_crystal.colour_primary               ? 
_exptl_crystal.density_meas                 ? 
_exptl_crystal.density_meas_esd             ? 
_exptl_crystal.density_meas_gt              ? 
_exptl_crystal.density_meas_lt              ? 
_exptl_crystal.density_meas_temp            ? 
_exptl_crystal.density_meas_temp_esd        ? 
_exptl_crystal.density_meas_temp_gt         ? 
_exptl_crystal.density_meas_temp_lt         ? 
_exptl_crystal.pdbx_crystal_image_url       ? 
_exptl_crystal.pdbx_crystal_image_format    ? 
_exptl_crystal.pdbx_mosaicity               ? 
_exptl_crystal.pdbx_mosaicity_esd           ? 
_exptl_crystal.pdbx_mosaic_method           ? 
_exptl_crystal.pdbx_mosaic_block_size       ? 
_exptl_crystal.pdbx_mosaic_block_size_esd   ? 
# 
_exptl_crystal_grow.apparatus       ? 
_exptl_crystal_grow.atmosphere      ? 
_exptl_crystal_grow.crystal_id      1 
_exptl_crystal_grow.details         ? 
_exptl_crystal_grow.method          'VAPOR DIFFUSION, SITTING DROP' 
_exptl_crystal_grow.method_ref      ? 
_exptl_crystal_grow.pH              ? 
_exptl_crystal_grow.pressure        ? 
_exptl_crystal_grow.pressure_esd    ? 
_exptl_crystal_grow.seeding         ? 
_exptl_crystal_grow.seeding_ref     ? 
_exptl_crystal_grow.temp_details    ? 
_exptl_crystal_grow.temp_esd        ? 
_exptl_crystal_grow.time            ? 
_exptl_crystal_grow.pdbx_details    PEG 
_exptl_crystal_grow.pdbx_pH_range   ? 
_exptl_crystal_grow.temp            298 
# 
_diffrn.ambient_environment              ? 
_diffrn.ambient_temp                     100 
_diffrn.ambient_temp_details             ? 
_diffrn.ambient_temp_esd                 ? 
_diffrn.crystal_id                       1 
_diffrn.crystal_support                  ? 
_diffrn.crystal_treatment                ? 
_diffrn.details                          ? 
_diffrn.id                               1 
_diffrn.ambient_pressure                 ? 
_diffrn.ambient_pressure_esd             ? 
_diffrn.ambient_pressure_gt              ? 
_diffrn.ambient_pressure_lt              ? 
_diffrn.ambient_temp_gt                  ? 
_diffrn.ambient_temp_lt                  ? 
_diffrn.pdbx_serial_crystal_experiment   N 
# 
_diffrn_detector.details                      ? 
_diffrn_detector.detector                     PIXEL 
_diffrn_detector.diffrn_id                    1 
_diffrn_detector.type                         'DECTRIS EIGER X 16M' 
_diffrn_detector.area_resol_mean              ? 
_diffrn_detector.dtime                        ? 
_diffrn_detector.pdbx_frames_total            ? 
_diffrn_detector.pdbx_collection_time_total   ? 
_diffrn_detector.pdbx_collection_date         2019-10-30 
_diffrn_detector.pdbx_frequency               ? 
_diffrn_detector.id                           ? 
_diffrn_detector.number_of_axes               ? 
# 
_diffrn_radiation.collimation                      ? 
_diffrn_radiation.diffrn_id                        1 
_diffrn_radiation.filter_edge                      ? 
_diffrn_radiation.inhomogeneity                    ? 
_diffrn_radiation.monochromator                    ? 
_diffrn_radiation.polarisn_norm                    ? 
_diffrn_radiation.polarisn_ratio                   ? 
_diffrn_radiation.probe                            ? 
_diffrn_radiation.type                             ? 
_diffrn_radiation.xray_symbol                      ? 
_diffrn_radiation.wavelength_id                    1 
_diffrn_radiation.pdbx_monochromatic_or_laue_m_l   M 
_diffrn_radiation.pdbx_wavelength_list             ? 
_diffrn_radiation.pdbx_wavelength                  ? 
_diffrn_radiation.pdbx_diffrn_protocol             'SINGLE WAVELENGTH' 
_diffrn_radiation.pdbx_analyzer                    ? 
_diffrn_radiation.pdbx_scattering_type             x-ray 
# 
_diffrn_radiation_wavelength.id           1 
_diffrn_radiation_wavelength.wavelength   0.899995 
_diffrn_radiation_wavelength.wt           1.0 
# 
_diffrn_source.current                     ? 
_diffrn_source.details                     ? 
_diffrn_source.diffrn_id                   1 
_diffrn_source.power                       ? 
_diffrn_source.size                        ? 
_diffrn_source.source                      SYNCHROTRON 
_diffrn_source.target                      ? 
_diffrn_source.type                        'SPRING-8 BEAMLINE BL44XU' 
_diffrn_source.voltage                     ? 
_diffrn_source.take-off_angle              ? 
_diffrn_source.pdbx_wavelength_list        0.899995 
_diffrn_source.pdbx_wavelength             ? 
_diffrn_source.pdbx_synchrotron_beamline   BL44XU 
_diffrn_source.pdbx_synchrotron_site       SPring-8 
# 
_reflns.B_iso_Wilson_estimate                          11.84 
_reflns.entry_id                                       8YZG 
_reflns.data_reduction_details                         ? 
_reflns.data_reduction_method                          ? 
_reflns.d_resolution_high                              1.40 
_reflns.d_resolution_low                               50.0 
_reflns.details                                        ? 
_reflns.limit_h_max                                    ? 
_reflns.limit_h_min                                    ? 
_reflns.limit_k_max                                    ? 
_reflns.limit_k_min                                    ? 
_reflns.limit_l_max                                    ? 
_reflns.limit_l_min                                    ? 
_reflns.number_all                                     ? 
_reflns.number_obs                                     23751 
_reflns.observed_criterion                             ? 
_reflns.observed_criterion_F_max                       ? 
_reflns.observed_criterion_F_min                       ? 
_reflns.observed_criterion_I_max                       ? 
_reflns.observed_criterion_I_min                       ? 
_reflns.observed_criterion_sigma_F                     ? 
_reflns.observed_criterion_sigma_I                     ? 
_reflns.percent_possible_obs                           99.1 
_reflns.R_free_details                                 ? 
_reflns.Rmerge_F_all                                   ? 
_reflns.Rmerge_F_obs                                   ? 
_reflns.Friedel_coverage                               ? 
_reflns.number_gt                                      ? 
_reflns.threshold_expression                           ? 
_reflns.pdbx_redundancy                                13.036 
_reflns.pdbx_netI_over_av_sigmaI                       ? 
_reflns.pdbx_netI_over_sigmaI                          49.81 
_reflns.pdbx_res_netI_over_av_sigmaI_2                 ? 
_reflns.pdbx_res_netI_over_sigmaI_2                    ? 
_reflns.pdbx_chi_squared                               ? 
_reflns.pdbx_scaling_rejects                           ? 
_reflns.pdbx_d_res_high_opt                            ? 
_reflns.pdbx_d_res_low_opt                             ? 
_reflns.pdbx_d_res_opt_method                          ? 
_reflns.phase_calculation_details                      ? 
_reflns.pdbx_Rrim_I_all                                ? 
_reflns.pdbx_Rpim_I_all                                ? 
_reflns.pdbx_d_opt                                     ? 
_reflns.pdbx_number_measured_all                       ? 
_reflns.pdbx_diffrn_id                                 1 
_reflns.pdbx_ordinal                                   1 
_reflns.pdbx_CC_half                                   0.999 
_reflns.pdbx_CC_star                                   ? 
_reflns.pdbx_R_split                                   ? 
_reflns.pdbx_Rmerge_I_obs                              ? 
_reflns.pdbx_Rmerge_I_all                              ? 
_reflns.pdbx_Rsym_value                                ? 
_reflns.pdbx_CC_split_method                           ? 
_reflns.pdbx_aniso_diffraction_limit_axis_1_ortho[1]   ? 
_reflns.pdbx_aniso_diffraction_limit_axis_1_ortho[2]   ? 
_reflns.pdbx_aniso_diffraction_limit_axis_1_ortho[3]   ? 
_reflns.pdbx_aniso_diffraction_limit_axis_2_ortho[1]   ? 
_reflns.pdbx_aniso_diffraction_limit_axis_2_ortho[2]   ? 
_reflns.pdbx_aniso_diffraction_limit_axis_2_ortho[3]   ? 
_reflns.pdbx_aniso_diffraction_limit_axis_3_ortho[1]   ? 
_reflns.pdbx_aniso_diffraction_limit_axis_3_ortho[2]   ? 
_reflns.pdbx_aniso_diffraction_limit_axis_3_ortho[3]   ? 
_reflns.pdbx_aniso_diffraction_limit_1                 ? 
_reflns.pdbx_aniso_diffraction_limit_2                 ? 
_reflns.pdbx_aniso_diffraction_limit_3                 ? 
_reflns.pdbx_aniso_B_tensor_eigenvector_1_ortho[1]     ? 
_reflns.pdbx_aniso_B_tensor_eigenvector_1_ortho[2]     ? 
_reflns.pdbx_aniso_B_tensor_eigenvector_1_ortho[3]     ? 
_reflns.pdbx_aniso_B_tensor_eigenvector_2_ortho[1]     ? 
_reflns.pdbx_aniso_B_tensor_eigenvector_2_ortho[2]     ? 
_reflns.pdbx_aniso_B_tensor_eigenvector_2_ortho[3]     ? 
_reflns.pdbx_aniso_B_tensor_eigenvector_3_ortho[1]     ? 
_reflns.pdbx_aniso_B_tensor_eigenvector_3_ortho[2]     ? 
_reflns.pdbx_aniso_B_tensor_eigenvector_3_ortho[3]     ? 
_reflns.pdbx_aniso_B_tensor_eigenvalue_1               ? 
_reflns.pdbx_aniso_B_tensor_eigenvalue_2               ? 
_reflns.pdbx_aniso_B_tensor_eigenvalue_3               ? 
_reflns.pdbx_orthogonalization_convention              ? 
_reflns.pdbx_percent_possible_ellipsoidal              ? 
_reflns.pdbx_percent_possible_spherical                ? 
_reflns.pdbx_percent_possible_ellipsoidal_anomalous    ? 
_reflns.pdbx_percent_possible_spherical_anomalous      ? 
_reflns.pdbx_redundancy_anomalous                      ? 
_reflns.pdbx_CC_half_anomalous                         ? 
_reflns.pdbx_absDiff_over_sigma_anomalous              ? 
_reflns.pdbx_percent_possible_anomalous                ? 
_reflns.pdbx_observed_signal_threshold                 ? 
_reflns.pdbx_signal_type                               ? 
_reflns.pdbx_signal_details                            ? 
_reflns.pdbx_signal_software_id                        ? 
# 
_reflns_shell.d_res_high                                    1.40 
_reflns_shell.d_res_low                                     1.48 
_reflns_shell.meanI_over_sigI_all                           ? 
_reflns_shell.meanI_over_sigI_obs                           ? 
_reflns_shell.number_measured_all                           ? 
_reflns_shell.number_measured_obs                           ? 
_reflns_shell.number_possible                               ? 
_reflns_shell.number_unique_all                             ? 
_reflns_shell.number_unique_obs                             3673 
_reflns_shell.percent_possible_obs                          ? 
_reflns_shell.Rmerge_F_all                                  ? 
_reflns_shell.Rmerge_F_obs                                  ? 
_reflns_shell.meanI_over_sigI_gt                            ? 
_reflns_shell.meanI_over_uI_all                             ? 
_reflns_shell.meanI_over_uI_gt                              ? 
_reflns_shell.number_measured_gt                            ? 
_reflns_shell.number_unique_gt                              ? 
_reflns_shell.percent_possible_gt                           ? 
_reflns_shell.Rmerge_F_gt                                   ? 
_reflns_shell.Rmerge_I_gt                                   ? 
_reflns_shell.pdbx_redundancy                               ? 
_reflns_shell.pdbx_chi_squared                              ? 
_reflns_shell.pdbx_netI_over_sigmaI_all                     ? 
_reflns_shell.pdbx_netI_over_sigmaI_obs                     ? 
_reflns_shell.pdbx_Rrim_I_all                               ? 
_reflns_shell.pdbx_Rpim_I_all                               ? 
_reflns_shell.pdbx_rejects                                  ? 
_reflns_shell.pdbx_ordinal                                  1 
_reflns_shell.pdbx_diffrn_id                                1 
_reflns_shell.pdbx_CC_half                                  0.998 
_reflns_shell.pdbx_CC_star                                  ? 
_reflns_shell.pdbx_R_split                                  ? 
_reflns_shell.percent_possible_all                          ? 
_reflns_shell.Rmerge_I_all                                  ? 
_reflns_shell.Rmerge_I_obs                                  ? 
_reflns_shell.pdbx_Rsym_value                               ? 
_reflns_shell.pdbx_percent_possible_ellipsoidal             ? 
_reflns_shell.pdbx_percent_possible_spherical               ? 
_reflns_shell.pdbx_percent_possible_ellipsoidal_anomalous   ? 
_reflns_shell.pdbx_percent_possible_spherical_anomalous     ? 
_reflns_shell.pdbx_redundancy_anomalous                     ? 
_reflns_shell.pdbx_CC_half_anomalous                        ? 
_reflns_shell.pdbx_absDiff_over_sigma_anomalous             ? 
_reflns_shell.pdbx_percent_possible_anomalous               ? 
# 
_refine.aniso_B[1][1]                            ? 
_refine.aniso_B[1][2]                            ? 
_refine.aniso_B[1][3]                            ? 
_refine.aniso_B[2][2]                            ? 
_refine.aniso_B[2][3]                            ? 
_refine.aniso_B[3][3]                            ? 
_refine.B_iso_max                                ? 
_refine.B_iso_mean                               17.43 
_refine.B_iso_min                                ? 
_refine.correlation_coeff_Fo_to_Fc               ? 
_refine.correlation_coeff_Fo_to_Fc_free          ? 
_refine.details                                  ? 
_refine.diff_density_max                         ? 
_refine.diff_density_max_esd                     ? 
_refine.diff_density_min                         ? 
_refine.diff_density_min_esd                     ? 
_refine.diff_density_rms                         ? 
_refine.diff_density_rms_esd                     ? 
_refine.entry_id                                 8YZG 
_refine.pdbx_refine_id                           'X-RAY DIFFRACTION' 
_refine.ls_abs_structure_details                 ? 
_refine.ls_abs_structure_Flack                   ? 
_refine.ls_abs_structure_Flack_esd               ? 
_refine.ls_abs_structure_Rogers                  ? 
_refine.ls_abs_structure_Rogers_esd              ? 
_refine.ls_d_res_high                            1.40 
_refine.ls_d_res_low                             34.43 
_refine.ls_extinction_coef                       ? 
_refine.ls_extinction_coef_esd                   ? 
_refine.ls_extinction_expression                 ? 
_refine.ls_extinction_method                     ? 
_refine.ls_goodness_of_fit_all                   ? 
_refine.ls_goodness_of_fit_all_esd               ? 
_refine.ls_goodness_of_fit_obs                   ? 
_refine.ls_goodness_of_fit_obs_esd               ? 
_refine.ls_hydrogen_treatment                    ? 
_refine.ls_matrix_type                           ? 
_refine.ls_number_constraints                    ? 
_refine.ls_number_parameters                     ? 
_refine.ls_number_reflns_all                     ? 
_refine.ls_number_reflns_obs                     13116 
_refine.ls_number_reflns_R_free                  656 
_refine.ls_number_reflns_R_work                  12460 
_refine.ls_number_restraints                     ? 
_refine.ls_percent_reflns_obs                    99.06 
_refine.ls_percent_reflns_R_free                 5.00 
_refine.ls_R_factor_all                          ? 
_refine.ls_R_factor_obs                          0.2162 
_refine.ls_R_factor_R_free                       0.2358 
_refine.ls_R_factor_R_free_error                 ? 
_refine.ls_R_factor_R_free_error_details         ? 
_refine.ls_R_factor_R_work                       0.2151 
_refine.ls_R_Fsqd_factor_obs                     ? 
_refine.ls_R_I_factor_obs                        ? 
_refine.ls_redundancy_reflns_all                 ? 
_refine.ls_redundancy_reflns_obs                 ? 
_refine.ls_restrained_S_all                      ? 
_refine.ls_restrained_S_obs                      ? 
_refine.ls_shift_over_esd_max                    ? 
_refine.ls_shift_over_esd_mean                   ? 
_refine.ls_structure_factor_coef                 ? 
_refine.ls_weighting_details                     ? 
_refine.ls_weighting_scheme                      ? 
_refine.ls_wR_factor_all                         ? 
_refine.ls_wR_factor_obs                         ? 
_refine.ls_wR_factor_R_free                      ? 
_refine.ls_wR_factor_R_work                      ? 
_refine.occupancy_max                            ? 
_refine.occupancy_min                            ? 
_refine.solvent_model_details                    'FLAT BULK SOLVENT MODEL' 
_refine.solvent_model_param_bsol                 ? 
_refine.solvent_model_param_ksol                 ? 
_refine.pdbx_R_complete                          ? 
_refine.ls_R_factor_gt                           ? 
_refine.ls_goodness_of_fit_gt                    ? 
_refine.ls_goodness_of_fit_ref                   ? 
_refine.ls_shift_over_su_max                     ? 
_refine.ls_shift_over_su_max_lt                  ? 
_refine.ls_shift_over_su_mean                    ? 
_refine.ls_shift_over_su_mean_lt                 ? 
_refine.pdbx_ls_sigma_I                          ? 
_refine.pdbx_ls_sigma_F                          1.41 
_refine.pdbx_ls_sigma_Fsqd                       ? 
_refine.pdbx_data_cutoff_high_absF               ? 
_refine.pdbx_data_cutoff_high_rms_absF           ? 
_refine.pdbx_data_cutoff_low_absF                ? 
_refine.pdbx_isotropic_thermal_model             ? 
_refine.pdbx_ls_cross_valid_method               'FREE R-VALUE' 
_refine.pdbx_method_to_determine_struct          'MOLECULAR REPLACEMENT' 
_refine.pdbx_starting_model                      ? 
_refine.pdbx_stereochemistry_target_values       'GeoStd + Monomer Library + CDL v1.2' 
_refine.pdbx_R_Free_selection_details            ? 
_refine.pdbx_stereochem_target_val_spec_case     ? 
_refine.pdbx_overall_ESU_R                       ? 
_refine.pdbx_overall_ESU_R_Free                  ? 
_refine.pdbx_solvent_vdw_probe_radii             1.1100 
_refine.pdbx_solvent_ion_probe_radii             ? 
_refine.pdbx_solvent_shrinkage_radii             0.9000 
_refine.pdbx_real_space_R                        ? 
_refine.pdbx_density_correlation                 ? 
_refine.pdbx_pd_number_of_powder_patterns        ? 
_refine.pdbx_pd_number_of_points                 ? 
_refine.pdbx_pd_meas_number_of_points            ? 
_refine.pdbx_pd_proc_ls_prof_R_factor            ? 
_refine.pdbx_pd_proc_ls_prof_wR_factor           ? 
_refine.pdbx_pd_Marquardt_correlation_coeff      ? 
_refine.pdbx_pd_Fsqrd_R_factor                   ? 
_refine.pdbx_pd_ls_matrix_band_width             ? 
_refine.pdbx_overall_phase_error                 21.3761 
_refine.pdbx_overall_SU_R_free_Cruickshank_DPI   ? 
_refine.pdbx_overall_SU_R_free_Blow_DPI          ? 
_refine.pdbx_overall_SU_R_Blow_DPI               ? 
_refine.pdbx_TLS_residual_ADP_flag               ? 
_refine.pdbx_diffrn_id                           1 
_refine.overall_SU_B                             ? 
_refine.overall_SU_ML                            0.0767 
_refine.overall_SU_R_Cruickshank_DPI             ? 
_refine.overall_SU_R_free                        ? 
_refine.overall_FOM_free_R_set                   ? 
_refine.overall_FOM_work_R_set                   ? 
_refine.pdbx_average_fsc_overall                 ? 
_refine.pdbx_average_fsc_work                    ? 
_refine.pdbx_average_fsc_free                    ? 
# 
_refine_hist.pdbx_refine_id                   'X-RAY DIFFRACTION' 
_refine_hist.cycle_id                         LAST 
_refine_hist.details                          ? 
_refine_hist.d_res_high                       1.40 
_refine_hist.d_res_low                        34.43 
_refine_hist.number_atoms_solvent             51 
_refine_hist.number_atoms_total               540 
_refine_hist.number_reflns_all                ? 
_refine_hist.number_reflns_obs                ? 
_refine_hist.number_reflns_R_free             ? 
_refine_hist.number_reflns_R_work             ? 
_refine_hist.R_factor_all                     ? 
_refine_hist.R_factor_obs                     ? 
_refine_hist.R_factor_R_free                  ? 
_refine_hist.R_factor_R_work                  ? 
_refine_hist.pdbx_number_residues_total       ? 
_refine_hist.pdbx_B_iso_mean_ligand           ? 
_refine_hist.pdbx_B_iso_mean_solvent          ? 
_refine_hist.pdbx_number_atoms_protein        489 
_refine_hist.pdbx_number_atoms_nucleic_acid   0 
_refine_hist.pdbx_number_atoms_ligand         0 
_refine_hist.pdbx_number_atoms_lipid          ? 
_refine_hist.pdbx_number_atoms_carb           ? 
_refine_hist.pdbx_pseudo_atom_details         ? 
# 
loop_
_refine_ls_restr.pdbx_refine_id 
_refine_ls_restr.criterion 
_refine_ls_restr.dev_ideal 
_refine_ls_restr.dev_ideal_target 
_refine_ls_restr.number 
_refine_ls_restr.rejects 
_refine_ls_restr.type 
_refine_ls_restr.weight 
_refine_ls_restr.pdbx_restraint_function 
'X-RAY DIFFRACTION' ? 0.0060 ? 497 ? f_bond_d           ? ? 
'X-RAY DIFFRACTION' ? 0.8424 ? 671 ? f_angle_d          ? ? 
'X-RAY DIFFRACTION' ? 0.0736 ? 76  ? f_chiral_restr     ? ? 
'X-RAY DIFFRACTION' ? 0.0046 ? 86  ? f_plane_restr      ? ? 
'X-RAY DIFFRACTION' ? 3.4690 ? 191 ? f_dihedral_angle_d ? ? 
# 
loop_
_refine_ls_shell.pdbx_refine_id 
_refine_ls_shell.d_res_high 
_refine_ls_shell.d_res_low 
_refine_ls_shell.number_reflns_all 
_refine_ls_shell.number_reflns_obs 
_refine_ls_shell.number_reflns_R_free 
_refine_ls_shell.number_reflns_R_work 
_refine_ls_shell.percent_reflns_obs 
_refine_ls_shell.percent_reflns_R_free 
_refine_ls_shell.R_factor_all 
_refine_ls_shell.R_factor_obs 
_refine_ls_shell.R_factor_R_free_error 
_refine_ls_shell.R_factor_R_work 
_refine_ls_shell.redundancy_reflns_all 
_refine_ls_shell.redundancy_reflns_obs 
_refine_ls_shell.wR_factor_all 
_refine_ls_shell.wR_factor_obs 
_refine_ls_shell.wR_factor_R_free 
_refine_ls_shell.wR_factor_R_work 
_refine_ls_shell.pdbx_R_complete 
_refine_ls_shell.pdbx_total_number_of_bins_used 
_refine_ls_shell.pdbx_phase_error 
_refine_ls_shell.pdbx_fsc_work 
_refine_ls_shell.pdbx_fsc_free 
_refine_ls_shell.R_factor_R_free 
'X-RAY DIFFRACTION' 1.40 1.51  . . 122 2335 95.23  . . . . 0.1932 . . . . . . . . . . . 0.1948 
'X-RAY DIFFRACTION' 1.51 1.66  . . 129 2448 100.00 . . . . 0.1956 . . . . . . . . . . . 0.2150 
'X-RAY DIFFRACTION' 1.66 1.90  . . 132 2488 99.96  . . . . 0.2026 . . . . . . . . . . . 0.2046 
'X-RAY DIFFRACTION' 1.90 2.39  . . 132 2514 100.00 . . . . 0.2060 . . . . . . . . . . . 0.2348 
'X-RAY DIFFRACTION' 2.39 34.43 . . 141 2675 99.96  . . . . 0.2311 . . . . . . . . . . . 0.2567 
# 
_struct.entry_id                     8YZG 
_struct.title                        'Antitoxin protein from S. pneumoniae' 
_struct.pdbx_model_details           ? 
_struct.pdbx_formula_weight          ? 
_struct.pdbx_formula_weight_method   ? 
_struct.pdbx_model_type_details      ? 
_struct.pdbx_CASP_flag               N 
# 
_struct_keywords.entry_id        8YZG 
_struct_keywords.text            'Antitoxin protein, ANTITOXIN' 
_struct_keywords.pdbx_keywords   ANTITOXIN 
# 
loop_
_struct_asym.id 
_struct_asym.pdbx_blank_PDB_chainid_flag 
_struct_asym.pdbx_modified 
_struct_asym.entity_id 
_struct_asym.details 
A N N 1 ? 
B N N 2 ? 
# 
_struct_ref.id                         1 
_struct_ref.db_name                    UNP 
_struct_ref.db_code                    A0A0H2UR92_STRPN 
_struct_ref.pdbx_db_accession          A0A0H2UR92 
_struct_ref.pdbx_db_isoform            ? 
_struct_ref.entity_id                  1 
_struct_ref.pdbx_seq_one_letter_code   MEAVLYSTFRNHLKDYMKKVNDEFEPLTVVNKNPDEDIVVLSKSEWDSIQETLRIAQNK 
_struct_ref.pdbx_align_begin           1 
# 
_struct_ref_seq.align_id                      1 
_struct_ref_seq.ref_id                        1 
_struct_ref_seq.pdbx_PDB_id_code              8YZG 
_struct_ref_seq.pdbx_strand_id                A 
_struct_ref_seq.seq_align_beg                 1 
_struct_ref_seq.pdbx_seq_align_beg_ins_code   ? 
_struct_ref_seq.seq_align_end                 59 
_struct_ref_seq.pdbx_seq_align_end_ins_code   ? 
_struct_ref_seq.pdbx_db_accession             A0A0H2UR92 
_struct_ref_seq.db_align_beg                  1 
_struct_ref_seq.pdbx_db_align_beg_ins_code    ? 
_struct_ref_seq.db_align_end                  59 
_struct_ref_seq.pdbx_db_align_end_ins_code    ? 
_struct_ref_seq.pdbx_auth_seq_align_beg       1 
_struct_ref_seq.pdbx_auth_seq_align_end       59 
# 
_pdbx_struct_assembly.id                   1 
_pdbx_struct_assembly.details              author_and_software_defined_assembly 
_pdbx_struct_assembly.method_details       PISA 
_pdbx_struct_assembly.oligomeric_details   dimeric 
_pdbx_struct_assembly.oligomeric_count     2 
# 
loop_
_pdbx_struct_assembly_prop.biol_id 
_pdbx_struct_assembly_prop.type 
_pdbx_struct_assembly_prop.value 
_pdbx_struct_assembly_prop.details 
1 'ABSA (A^2)' 2280 ? 
1 MORE         -24  ? 
1 'SSA (A^2)'  7090 ? 
# 
_pdbx_struct_assembly_gen.assembly_id       1 
_pdbx_struct_assembly_gen.oper_expression   1,2 
_pdbx_struct_assembly_gen.asym_id_list      A,B 
# 
_pdbx_struct_assembly_auth_evidence.id                     1 
_pdbx_struct_assembly_auth_evidence.assembly_id            1 
_pdbx_struct_assembly_auth_evidence.experimental_support   none 
_pdbx_struct_assembly_auth_evidence.details                ? 
# 
loop_
_pdbx_struct_oper_list.id 
_pdbx_struct_oper_list.type 
_pdbx_struct_oper_list.name 
_pdbx_struct_oper_list.symmetry_operation 
_pdbx_struct_oper_list.matrix[1][1] 
_pdbx_struct_oper_list.matrix[1][2] 
_pdbx_struct_oper_list.matrix[1][3] 
_pdbx_struct_oper_list.vector[1] 
_pdbx_struct_oper_list.matrix[2][1] 
_pdbx_struct_oper_list.matrix[2][2] 
_pdbx_struct_oper_list.matrix[2][3] 
_pdbx_struct_oper_list.vector[2] 
_pdbx_struct_oper_list.matrix[3][1] 
_pdbx_struct_oper_list.matrix[3][2] 
_pdbx_struct_oper_list.matrix[3][3] 
_pdbx_struct_oper_list.vector[3] 
1 'identity operation'         1_555 x,y,z    1.0000000000 0.0000000000  0.0000000000  0.0000000000 0.0000000000  1.0000000000  0.0000000000 0.0000000000 0.0000000000  0.0000000000 1.0000000000  0.0000000000  
2 'crystal symmetry operation' 7_556 y,x,-z+1 0.9265162052 -0.3740054033 -0.0410813810 1.1273557922 -0.3740054033 -0.9273922320 0.0079753591 6.2172030638 -0.0410813810 0.0079753591 -0.9991239732 -3.7340111989 
# 
loop_
_struct_conf.conf_type_id 
_struct_conf.id 
_struct_conf.pdbx_PDB_helix_id 
_struct_conf.beg_label_comp_id 
_struct_conf.beg_label_asym_id 
_struct_conf.beg_label_seq_id 
_struct_conf.pdbx_beg_PDB_ins_code 
_struct_conf.end_label_comp_id 
_struct_conf.end_label_asym_id 
_struct_conf.end_label_seq_id 
_struct_conf.pdbx_end_PDB_ins_code 
_struct_conf.beg_auth_comp_id 
_struct_conf.beg_auth_asym_id 
_struct_conf.beg_auth_seq_id 
_struct_conf.end_auth_comp_id 
_struct_conf.end_auth_asym_id 
_struct_conf.end_auth_seq_id 
_struct_conf.pdbx_PDB_helix_class 
_struct_conf.details 
_struct_conf.pdbx_PDB_helix_length 
HELX_P HELX_P1 AA1 TYR A 6  ? HIS A 12 ? TYR A 6  HIS A 12 1 ? 7  
HELX_P HELX_P2 AA2 HIS A 12 ? PHE A 24 ? HIS A 12 PHE A 24 1 ? 13 
HELX_P HELX_P3 AA3 ASN A 33 ? ASP A 37 ? ASN A 33 ASP A 37 5 ? 5  
HELX_P HELX_P4 AA4 SER A 42 ? LYS A 59 ? SER A 42 LYS A 59 1 ? 18 
# 
_struct_conf_type.id          HELX_P 
_struct_conf_type.criteria    ? 
_struct_conf_type.reference   ? 
# 
_struct_sheet.id               AA1 
_struct_sheet.type             ? 
_struct_sheet.number_strands   3 
_struct_sheet.details          ? 
# 
loop_
_struct_sheet_order.sheet_id 
_struct_sheet_order.range_id_1 
_struct_sheet_order.range_id_2 
_struct_sheet_order.offset 
_struct_sheet_order.sense 
AA1 1 2 ? parallel      
AA1 2 3 ? anti-parallel 
# 
loop_
_struct_sheet_range.sheet_id 
_struct_sheet_range.id 
_struct_sheet_range.beg_label_comp_id 
_struct_sheet_range.beg_label_asym_id 
_struct_sheet_range.beg_label_seq_id 
_struct_sheet_range.pdbx_beg_PDB_ins_code 
_struct_sheet_range.end_label_comp_id 
_struct_sheet_range.end_label_asym_id 
_struct_sheet_range.end_label_seq_id 
_struct_sheet_range.pdbx_end_PDB_ins_code 
_struct_sheet_range.beg_auth_comp_id 
_struct_sheet_range.beg_auth_asym_id 
_struct_sheet_range.beg_auth_seq_id 
_struct_sheet_range.end_auth_comp_id 
_struct_sheet_range.end_auth_asym_id 
_struct_sheet_range.end_auth_seq_id 
AA1 1 GLU A 2  ? LEU A 5  ? GLU A 2  LEU A 5  
AA1 2 LEU A 27 ? VAL A 30 ? LEU A 27 VAL A 30 
AA1 3 ILE A 38 ? VAL A 40 ? ILE A 38 VAL A 40 
# 
loop_
_pdbx_struct_sheet_hbond.sheet_id 
_pdbx_struct_sheet_hbond.range_id_1 
_pdbx_struct_sheet_hbond.range_id_2 
_pdbx_struct_sheet_hbond.range_1_label_atom_id 
_pdbx_struct_sheet_hbond.range_1_label_comp_id 
_pdbx_struct_sheet_hbond.range_1_label_asym_id 
_pdbx_struct_sheet_hbond.range_1_label_seq_id 
_pdbx_struct_sheet_hbond.range_1_PDB_ins_code 
_pdbx_struct_sheet_hbond.range_1_auth_atom_id 
_pdbx_struct_sheet_hbond.range_1_auth_comp_id 
_pdbx_struct_sheet_hbond.range_1_auth_asym_id 
_pdbx_struct_sheet_hbond.range_1_auth_seq_id 
_pdbx_struct_sheet_hbond.range_2_label_atom_id 
_pdbx_struct_sheet_hbond.range_2_label_comp_id 
_pdbx_struct_sheet_hbond.range_2_label_asym_id 
_pdbx_struct_sheet_hbond.range_2_label_seq_id 
_pdbx_struct_sheet_hbond.range_2_PDB_ins_code 
_pdbx_struct_sheet_hbond.range_2_auth_atom_id 
_pdbx_struct_sheet_hbond.range_2_auth_comp_id 
_pdbx_struct_sheet_hbond.range_2_auth_asym_id 
_pdbx_struct_sheet_hbond.range_2_auth_seq_id 
AA1 1 2 N GLU A 2  ? N GLU A 2  O THR A 28 ? O THR A 28 
AA1 2 3 N LEU A 27 ? N LEU A 27 O VAL A 40 ? O VAL A 40 
# 
_pdbx_entry_details.entry_id                   8YZG 
_pdbx_entry_details.compound_details           ? 
_pdbx_entry_details.source_details             ? 
_pdbx_entry_details.nonpolymer_details         ? 
_pdbx_entry_details.sequence_details           ? 
_pdbx_entry_details.has_ligand_of_interest     ? 
_pdbx_entry_details.has_protein_modification   N 
# 
loop_
_space_group_symop.id 
_space_group_symop.operation_xyz 
1 x,y,z               
2 -y+1/2,x+1/2,z+1/4  
3 y+1/2,-x+1/2,z+3/4  
4 x+1/2,-y+1/2,-z+3/4 
5 -x+1/2,y+1/2,-z+1/4 
6 -x,-y,z+1/2         
7 y,x,-z              
8 -y,-x,-z+1/2        
# 
loop_
_chem_comp_atom.comp_id 
_chem_comp_atom.atom_id 
_chem_comp_atom.type_symbol 
_chem_comp_atom.pdbx_aromatic_flag 
_chem_comp_atom.pdbx_stereo_config 
_chem_comp_atom.pdbx_ordinal 
ALA N    N N N 1   
ALA CA   C N S 2   
ALA C    C N N 3   
ALA O    O N N 4   
ALA CB   C N N 5   
ALA OXT  O N N 6   
ALA H    H N N 7   
ALA H2   H N N 8   
ALA HA   H N N 9   
ALA HB1  H N N 10  
ALA HB2  H N N 11  
ALA HB3  H N N 12  
ALA HXT  H N N 13  
ARG N    N N N 14  
ARG CA   C N S 15  
ARG C    C N N 16  
ARG O    O N N 17  
ARG CB   C N N 18  
ARG CG   C N N 19  
ARG CD   C N N 20  
ARG NE   N N N 21  
ARG CZ   C N N 22  
ARG NH1  N N N 23  
ARG NH2  N N N 24  
ARG OXT  O N N 25  
ARG H    H N N 26  
ARG H2   H N N 27  
ARG HA   H N N 28  
ARG HB2  H N N 29  
ARG HB3  H N N 30  
ARG HG2  H N N 31  
ARG HG3  H N N 32  
ARG HD2  H N N 33  
ARG HD3  H N N 34  
ARG HE   H N N 35  
ARG HH11 H N N 36  
ARG HH12 H N N 37  
ARG HH21 H N N 38  
ARG HH22 H N N 39  
ARG HXT  H N N 40  
ASN N    N N N 41  
ASN CA   C N S 42  
ASN C    C N N 43  
ASN O    O N N 44  
ASN CB   C N N 45  
ASN CG   C N N 46  
ASN OD1  O N N 47  
ASN ND2  N N N 48  
ASN OXT  O N N 49  
ASN H    H N N 50  
ASN H2   H N N 51  
ASN HA   H N N 52  
ASN HB2  H N N 53  
ASN HB3  H N N 54  
ASN HD21 H N N 55  
ASN HD22 H N N 56  
ASN HXT  H N N 57  
ASP N    N N N 58  
ASP CA   C N S 59  
ASP C    C N N 60  
ASP O    O N N 61  
ASP CB   C N N 62  
ASP CG   C N N 63  
ASP OD1  O N N 64  
ASP OD2  O N N 65  
ASP OXT  O N N 66  
ASP H    H N N 67  
ASP H2   H N N 68  
ASP HA   H N N 69  
ASP HB2  H N N 70  
ASP HB3  H N N 71  
ASP HD2  H N N 72  
ASP HXT  H N N 73  
GLN N    N N N 74  
GLN CA   C N S 75  
GLN C    C N N 76  
GLN O    O N N 77  
GLN CB   C N N 78  
GLN CG   C N N 79  
GLN CD   C N N 80  
GLN OE1  O N N 81  
GLN NE2  N N N 82  
GLN OXT  O N N 83  
GLN H    H N N 84  
GLN H2   H N N 85  
GLN HA   H N N 86  
GLN HB2  H N N 87  
GLN HB3  H N N 88  
GLN HG2  H N N 89  
GLN HG3  H N N 90  
GLN HE21 H N N 91  
GLN HE22 H N N 92  
GLN HXT  H N N 93  
GLU N    N N N 94  
GLU CA   C N S 95  
GLU C    C N N 96  
GLU O    O N N 97  
GLU CB   C N N 98  
GLU CG   C N N 99  
GLU CD   C N N 100 
GLU OE1  O N N 101 
GLU OE2  O N N 102 
GLU OXT  O N N 103 
GLU H    H N N 104 
GLU H2   H N N 105 
GLU HA   H N N 106 
GLU HB2  H N N 107 
GLU HB3  H N N 108 
GLU HG2  H N N 109 
GLU HG3  H N N 110 
GLU HE2  H N N 111 
GLU HXT  H N N 112 
HIS N    N N N 113 
HIS CA   C N S 114 
HIS C    C N N 115 
HIS O    O N N 116 
HIS CB   C N N 117 
HIS CG   C Y N 118 
HIS ND1  N Y N 119 
HIS CD2  C Y N 120 
HIS CE1  C Y N 121 
HIS NE2  N Y N 122 
HIS OXT  O N N 123 
HIS H    H N N 124 
HIS H2   H N N 125 
HIS HA   H N N 126 
HIS HB2  H N N 127 
HIS HB3  H N N 128 
HIS HD1  H N N 129 
HIS HD2  H N N 130 
HIS HE1  H N N 131 
HIS HE2  H N N 132 
HIS HXT  H N N 133 
HOH O    O N N 134 
HOH H1   H N N 135 
HOH H2   H N N 136 
ILE N    N N N 137 
ILE CA   C N S 138 
ILE C    C N N 139 
ILE O    O N N 140 
ILE CB   C N S 141 
ILE CG1  C N N 142 
ILE CG2  C N N 143 
ILE CD1  C N N 144 
ILE OXT  O N N 145 
ILE H    H N N 146 
ILE H2   H N N 147 
ILE HA   H N N 148 
ILE HB   H N N 149 
ILE HG12 H N N 150 
ILE HG13 H N N 151 
ILE HG21 H N N 152 
ILE HG22 H N N 153 
ILE HG23 H N N 154 
ILE HD11 H N N 155 
ILE HD12 H N N 156 
ILE HD13 H N N 157 
ILE HXT  H N N 158 
LEU N    N N N 159 
LEU CA   C N S 160 
LEU C    C N N 161 
LEU O    O N N 162 
LEU CB   C N N 163 
LEU CG   C N N 164 
LEU CD1  C N N 165 
LEU CD2  C N N 166 
LEU OXT  O N N 167 
LEU H    H N N 168 
LEU H2   H N N 169 
LEU HA   H N N 170 
LEU HB2  H N N 171 
LEU HB3  H N N 172 
LEU HG   H N N 173 
LEU HD11 H N N 174 
LEU HD12 H N N 175 
LEU HD13 H N N 176 
LEU HD21 H N N 177 
LEU HD22 H N N 178 
LEU HD23 H N N 179 
LEU HXT  H N N 180 
LYS N    N N N 181 
LYS CA   C N S 182 
LYS C    C N N 183 
LYS O    O N N 184 
LYS CB   C N N 185 
LYS CG   C N N 186 
LYS CD   C N N 187 
LYS CE   C N N 188 
LYS NZ   N N N 189 
LYS OXT  O N N 190 
LYS H    H N N 191 
LYS H2   H N N 192 
LYS HA   H N N 193 
LYS HB2  H N N 194 
LYS HB3  H N N 195 
LYS HG2  H N N 196 
LYS HG3  H N N 197 
LYS HD2  H N N 198 
LYS HD3  H N N 199 
LYS HE2  H N N 200 
LYS HE3  H N N 201 
LYS HZ1  H N N 202 
LYS HZ2  H N N 203 
LYS HZ3  H N N 204 
LYS HXT  H N N 205 
MET N    N N N 206 
MET CA   C N S 207 
MET C    C N N 208 
MET O    O N N 209 
MET CB   C N N 210 
MET CG   C N N 211 
MET SD   S N N 212 
MET CE   C N N 213 
MET OXT  O N N 214 
MET H    H N N 215 
MET H2   H N N 216 
MET HA   H N N 217 
MET HB2  H N N 218 
MET HB3  H N N 219 
MET HG2  H N N 220 
MET HG3  H N N 221 
MET HE1  H N N 222 
MET HE2  H N N 223 
MET HE3  H N N 224 
MET HXT  H N N 225 
PHE N    N N N 226 
PHE CA   C N S 227 
PHE C    C N N 228 
PHE O    O N N 229 
PHE CB   C N N 230 
PHE CG   C Y N 231 
PHE CD1  C Y N 232 
PHE CD2  C Y N 233 
PHE CE1  C Y N 234 
PHE CE2  C Y N 235 
PHE CZ   C Y N 236 
PHE OXT  O N N 237 
PHE H    H N N 238 
PHE H2   H N N 239 
PHE HA   H N N 240 
PHE HB2  H N N 241 
PHE HB3  H N N 242 
PHE HD1  H N N 243 
PHE HD2  H N N 244 
PHE HE1  H N N 245 
PHE HE2  H N N 246 
PHE HZ   H N N 247 
PHE HXT  H N N 248 
PRO N    N N N 249 
PRO CA   C N S 250 
PRO C    C N N 251 
PRO O    O N N 252 
PRO CB   C N N 253 
PRO CG   C N N 254 
PRO CD   C N N 255 
PRO OXT  O N N 256 
PRO H    H N N 257 
PRO HA   H N N 258 
PRO HB2  H N N 259 
PRO HB3  H N N 260 
PRO HG2  H N N 261 
PRO HG3  H N N 262 
PRO HD2  H N N 263 
PRO HD3  H N N 264 
PRO HXT  H N N 265 
SER N    N N N 266 
SER CA   C N S 267 
SER C    C N N 268 
SER O    O N N 269 
SER CB   C N N 270 
SER OG   O N N 271 
SER OXT  O N N 272 
SER H    H N N 273 
SER H2   H N N 274 
SER HA   H N N 275 
SER HB2  H N N 276 
SER HB3  H N N 277 
SER HG   H N N 278 
SER HXT  H N N 279 
THR N    N N N 280 
THR CA   C N S 281 
THR C    C N N 282 
THR O    O N N 283 
THR CB   C N R 284 
THR OG1  O N N 285 
THR CG2  C N N 286 
THR OXT  O N N 287 
THR H    H N N 288 
THR H2   H N N 289 
THR HA   H N N 290 
THR HB   H N N 291 
THR HG1  H N N 292 
THR HG21 H N N 293 
THR HG22 H N N 294 
THR HG23 H N N 295 
THR HXT  H N N 296 
TRP N    N N N 297 
TRP CA   C N S 298 
TRP C    C N N 299 
TRP O    O N N 300 
TRP CB   C N N 301 
TRP CG   C Y N 302 
TRP CD1  C Y N 303 
TRP CD2  C Y N 304 
TRP NE1  N Y N 305 
TRP CE2  C Y N 306 
TRP CE3  C Y N 307 
TRP CZ2  C Y N 308 
TRP CZ3  C Y N 309 
TRP CH2  C Y N 310 
TRP OXT  O N N 311 
TRP H    H N N 312 
TRP H2   H N N 313 
TRP HA   H N N 314 
TRP HB2  H N N 315 
TRP HB3  H N N 316 
TRP HD1  H N N 317 
TRP HE1  H N N 318 
TRP HE3  H N N 319 
TRP HZ2  H N N 320 
TRP HZ3  H N N 321 
TRP HH2  H N N 322 
TRP HXT  H N N 323 
TYR N    N N N 324 
TYR CA   C N S 325 
TYR C    C N N 326 
TYR O    O N N 327 
TYR CB   C N N 328 
TYR CG   C Y N 329 
TYR CD1  C Y N 330 
TYR CD2  C Y N 331 
TYR CE1  C Y N 332 
TYR CE2  C Y N 333 
TYR CZ   C Y N 334 
TYR OH   O N N 335 
TYR OXT  O N N 336 
TYR H    H N N 337 
TYR H2   H N N 338 
TYR HA   H N N 339 
TYR HB2  H N N 340 
TYR HB3  H N N 341 
TYR HD1  H N N 342 
TYR HD2  H N N 343 
TYR HE1  H N N 344 
TYR HE2  H N N 345 
TYR HH   H N N 346 
TYR HXT  H N N 347 
VAL N    N N N 348 
VAL CA   C N S 349 
VAL C    C N N 350 
VAL O    O N N 351 
VAL CB   C N N 352 
VAL CG1  C N N 353 
VAL CG2  C N N 354 
VAL OXT  O N N 355 
VAL H    H N N 356 
VAL H2   H N N 357 
VAL HA   H N N 358 
VAL HB   H N N 359 
VAL HG11 H N N 360 
VAL HG12 H N N 361 
VAL HG13 H N N 362 
VAL HG21 H N N 363 
VAL HG22 H N N 364 
VAL HG23 H N N 365 
VAL HXT  H N N 366 
# 
loop_
_chem_comp_bond.comp_id 
_chem_comp_bond.atom_id_1 
_chem_comp_bond.atom_id_2 
_chem_comp_bond.value_order 
_chem_comp_bond.pdbx_aromatic_flag 
_chem_comp_bond.pdbx_stereo_config 
_chem_comp_bond.pdbx_ordinal 
ALA N   CA   sing N N 1   
ALA N   H    sing N N 2   
ALA N   H2   sing N N 3   
ALA CA  C    sing N N 4   
ALA CA  CB   sing N N 5   
ALA CA  HA   sing N N 6   
ALA C   O    doub N N 7   
ALA C   OXT  sing N N 8   
ALA CB  HB1  sing N N 9   
ALA CB  HB2  sing N N 10  
ALA CB  HB3  sing N N 11  
ALA OXT HXT  sing N N 12  
ARG N   CA   sing N N 13  
ARG N   H    sing N N 14  
ARG N   H2   sing N N 15  
ARG CA  C    sing N N 16  
ARG CA  CB   sing N N 17  
ARG CA  HA   sing N N 18  
ARG C   O    doub N N 19  
ARG C   OXT  sing N N 20  
ARG CB  CG   sing N N 21  
ARG CB  HB2  sing N N 22  
ARG CB  HB3  sing N N 23  
ARG CG  CD   sing N N 24  
ARG CG  HG2  sing N N 25  
ARG CG  HG3  sing N N 26  
ARG CD  NE   sing N N 27  
ARG CD  HD2  sing N N 28  
ARG CD  HD3  sing N N 29  
ARG NE  CZ   sing N N 30  
ARG NE  HE   sing N N 31  
ARG CZ  NH1  sing N N 32  
ARG CZ  NH2  doub N N 33  
ARG NH1 HH11 sing N N 34  
ARG NH1 HH12 sing N N 35  
ARG NH2 HH21 sing N N 36  
ARG NH2 HH22 sing N N 37  
ARG OXT HXT  sing N N 38  
ASN N   CA   sing N N 39  
ASN N   H    sing N N 40  
ASN N   H2   sing N N 41  
ASN CA  C    sing N N 42  
ASN CA  CB   sing N N 43  
ASN CA  HA   sing N N 44  
ASN C   O    doub N N 45  
ASN C   OXT  sing N N 46  
ASN CB  CG   sing N N 47  
ASN CB  HB2  sing N N 48  
ASN CB  HB3  sing N N 49  
ASN CG  OD1  doub N N 50  
ASN CG  ND2  sing N N 51  
ASN ND2 HD21 sing N N 52  
ASN ND2 HD22 sing N N 53  
ASN OXT HXT  sing N N 54  
ASP N   CA   sing N N 55  
ASP N   H    sing N N 56  
ASP N   H2   sing N N 57  
ASP CA  C    sing N N 58  
ASP CA  CB   sing N N 59  
ASP CA  HA   sing N N 60  
ASP C   O    doub N N 61  
ASP C   OXT  sing N N 62  
ASP CB  CG   sing N N 63  
ASP CB  HB2  sing N N 64  
ASP CB  HB3  sing N N 65  
ASP CG  OD1  doub N N 66  
ASP CG  OD2  sing N N 67  
ASP OD2 HD2  sing N N 68  
ASP OXT HXT  sing N N 69  
GLN N   CA   sing N N 70  
GLN N   H    sing N N 71  
GLN N   H2   sing N N 72  
GLN CA  C    sing N N 73  
GLN CA  CB   sing N N 74  
GLN CA  HA   sing N N 75  
GLN C   O    doub N N 76  
GLN C   OXT  sing N N 77  
GLN CB  CG   sing N N 78  
GLN CB  HB2  sing N N 79  
GLN CB  HB3  sing N N 80  
GLN CG  CD   sing N N 81  
GLN CG  HG2  sing N N 82  
GLN CG  HG3  sing N N 83  
GLN CD  OE1  doub N N 84  
GLN CD  NE2  sing N N 85  
GLN NE2 HE21 sing N N 86  
GLN NE2 HE22 sing N N 87  
GLN OXT HXT  sing N N 88  
GLU N   CA   sing N N 89  
GLU N   H    sing N N 90  
GLU N   H2   sing N N 91  
GLU CA  C    sing N N 92  
GLU CA  CB   sing N N 93  
GLU CA  HA   sing N N 94  
GLU C   O    doub N N 95  
GLU C   OXT  sing N N 96  
GLU CB  CG   sing N N 97  
GLU CB  HB2  sing N N 98  
GLU CB  HB3  sing N N 99  
GLU CG  CD   sing N N 100 
GLU CG  HG2  sing N N 101 
GLU CG  HG3  sing N N 102 
GLU CD  OE1  doub N N 103 
GLU CD  OE2  sing N N 104 
GLU OE2 HE2  sing N N 105 
GLU OXT HXT  sing N N 106 
HIS N   CA   sing N N 107 
HIS N   H    sing N N 108 
HIS N   H2   sing N N 109 
HIS CA  C    sing N N 110 
HIS CA  CB   sing N N 111 
HIS CA  HA   sing N N 112 
HIS C   O    doub N N 113 
HIS C   OXT  sing N N 114 
HIS CB  CG   sing N N 115 
HIS CB  HB2  sing N N 116 
HIS CB  HB3  sing N N 117 
HIS CG  ND1  sing Y N 118 
HIS CG  CD2  doub Y N 119 
HIS ND1 CE1  doub Y N 120 
HIS ND1 HD1  sing N N 121 
HIS CD2 NE2  sing Y N 122 
HIS CD2 HD2  sing N N 123 
HIS CE1 NE2  sing Y N 124 
HIS CE1 HE1  sing N N 125 
HIS NE2 HE2  sing N N 126 
HIS OXT HXT  sing N N 127 
HOH O   H1   sing N N 128 
HOH O   H2   sing N N 129 
ILE N   CA   sing N N 130 
ILE N   H    sing N N 131 
ILE N   H2   sing N N 132 
ILE CA  C    sing N N 133 
ILE CA  CB   sing N N 134 
ILE CA  HA   sing N N 135 
ILE C   O    doub N N 136 
ILE C   OXT  sing N N 137 
ILE CB  CG1  sing N N 138 
ILE CB  CG2  sing N N 139 
ILE CB  HB   sing N N 140 
ILE CG1 CD1  sing N N 141 
ILE CG1 HG12 sing N N 142 
ILE CG1 HG13 sing N N 143 
ILE CG2 HG21 sing N N 144 
ILE CG2 HG22 sing N N 145 
ILE CG2 HG23 sing N N 146 
ILE CD1 HD11 sing N N 147 
ILE CD1 HD12 sing N N 148 
ILE CD1 HD13 sing N N 149 
ILE OXT HXT  sing N N 150 
LEU N   CA   sing N N 151 
LEU N   H    sing N N 152 
LEU N   H2   sing N N 153 
LEU CA  C    sing N N 154 
LEU CA  CB   sing N N 155 
LEU CA  HA   sing N N 156 
LEU C   O    doub N N 157 
LEU C   OXT  sing N N 158 
LEU CB  CG   sing N N 159 
LEU CB  HB2  sing N N 160 
LEU CB  HB3  sing N N 161 
LEU CG  CD1  sing N N 162 
LEU CG  CD2  sing N N 163 
LEU CG  HG   sing N N 164 
LEU CD1 HD11 sing N N 165 
LEU CD1 HD12 sing N N 166 
LEU CD1 HD13 sing N N 167 
LEU CD2 HD21 sing N N 168 
LEU CD2 HD22 sing N N 169 
LEU CD2 HD23 sing N N 170 
LEU OXT HXT  sing N N 171 
LYS N   CA   sing N N 172 
LYS N   H    sing N N 173 
LYS N   H2   sing N N 174 
LYS CA  C    sing N N 175 
LYS CA  CB   sing N N 176 
LYS CA  HA   sing N N 177 
LYS C   O    doub N N 178 
LYS C   OXT  sing N N 179 
LYS CB  CG   sing N N 180 
LYS CB  HB2  sing N N 181 
LYS CB  HB3  sing N N 182 
LYS CG  CD   sing N N 183 
LYS CG  HG2  sing N N 184 
LYS CG  HG3  sing N N 185 
LYS CD  CE   sing N N 186 
LYS CD  HD2  sing N N 187 
LYS CD  HD3  sing N N 188 
LYS CE  NZ   sing N N 189 
LYS CE  HE2  sing N N 190 
LYS CE  HE3  sing N N 191 
LYS NZ  HZ1  sing N N 192 
LYS NZ  HZ2  sing N N 193 
LYS NZ  HZ3  sing N N 194 
LYS OXT HXT  sing N N 195 
MET N   CA   sing N N 196 
MET N   H    sing N N 197 
MET N   H2   sing N N 198 
MET CA  C    sing N N 199 
MET CA  CB   sing N N 200 
MET CA  HA   sing N N 201 
MET C   O    doub N N 202 
MET C   OXT  sing N N 203 
MET CB  CG   sing N N 204 
MET CB  HB2  sing N N 205 
MET CB  HB3  sing N N 206 
MET CG  SD   sing N N 207 
MET CG  HG2  sing N N 208 
MET CG  HG3  sing N N 209 
MET SD  CE   sing N N 210 
MET CE  HE1  sing N N 211 
MET CE  HE2  sing N N 212 
MET CE  HE3  sing N N 213 
MET OXT HXT  sing N N 214 
PHE N   CA   sing N N 215 
PHE N   H    sing N N 216 
PHE N   H2   sing N N 217 
PHE CA  C    sing N N 218 
PHE CA  CB   sing N N 219 
PHE CA  HA   sing N N 220 
PHE C   O    doub N N 221 
PHE C   OXT  sing N N 222 
PHE CB  CG   sing N N 223 
PHE CB  HB2  sing N N 224 
PHE CB  HB3  sing N N 225 
PHE CG  CD1  doub Y N 226 
PHE CG  CD2  sing Y N 227 
PHE CD1 CE1  sing Y N 228 
PHE CD1 HD1  sing N N 229 
PHE CD2 CE2  doub Y N 230 
PHE CD2 HD2  sing N N 231 
PHE CE1 CZ   doub Y N 232 
PHE CE1 HE1  sing N N 233 
PHE CE2 CZ   sing Y N 234 
PHE CE2 HE2  sing N N 235 
PHE CZ  HZ   sing N N 236 
PHE OXT HXT  sing N N 237 
PRO N   CA   sing N N 238 
PRO N   CD   sing N N 239 
PRO N   H    sing N N 240 
PRO CA  C    sing N N 241 
PRO CA  CB   sing N N 242 
PRO CA  HA   sing N N 243 
PRO C   O    doub N N 244 
PRO C   OXT  sing N N 245 
PRO CB  CG   sing N N 246 
PRO CB  HB2  sing N N 247 
PRO CB  HB3  sing N N 248 
PRO CG  CD   sing N N 249 
PRO CG  HG2  sing N N 250 
PRO CG  HG3  sing N N 251 
PRO CD  HD2  sing N N 252 
PRO CD  HD3  sing N N 253 
PRO OXT HXT  sing N N 254 
SER N   CA   sing N N 255 
SER N   H    sing N N 256 
SER N   H2   sing N N 257 
SER CA  C    sing N N 258 
SER CA  CB   sing N N 259 
SER CA  HA   sing N N 260 
SER C   O    doub N N 261 
SER C   OXT  sing N N 262 
SER CB  OG   sing N N 263 
SER CB  HB2  sing N N 264 
SER CB  HB3  sing N N 265 
SER OG  HG   sing N N 266 
SER OXT HXT  sing N N 267 
THR N   CA   sing N N 268 
THR N   H    sing N N 269 
THR N   H2   sing N N 270 
THR CA  C    sing N N 271 
THR CA  CB   sing N N 272 
THR CA  HA   sing N N 273 
THR C   O    doub N N 274 
THR C   OXT  sing N N 275 
THR CB  OG1  sing N N 276 
THR CB  CG2  sing N N 277 
THR CB  HB   sing N N 278 
THR OG1 HG1  sing N N 279 
THR CG2 HG21 sing N N 280 
THR CG2 HG22 sing N N 281 
THR CG2 HG23 sing N N 282 
THR OXT HXT  sing N N 283 
TRP N   CA   sing N N 284 
TRP N   H    sing N N 285 
TRP N   H2   sing N N 286 
TRP CA  C    sing N N 287 
TRP CA  CB   sing N N 288 
TRP CA  HA   sing N N 289 
TRP C   O    doub N N 290 
TRP C   OXT  sing N N 291 
TRP CB  CG   sing N N 292 
TRP CB  HB2  sing N N 293 
TRP CB  HB3  sing N N 294 
TRP CG  CD1  doub Y N 295 
TRP CG  CD2  sing Y N 296 
TRP CD1 NE1  sing Y N 297 
TRP CD1 HD1  sing N N 298 
TRP CD2 CE2  doub Y N 299 
TRP CD2 CE3  sing Y N 300 
TRP NE1 CE2  sing Y N 301 
TRP NE1 HE1  sing N N 302 
TRP CE2 CZ2  sing Y N 303 
TRP CE3 CZ3  doub Y N 304 
TRP CE3 HE3  sing N N 305 
TRP CZ2 CH2  doub Y N 306 
TRP CZ2 HZ2  sing N N 307 
TRP CZ3 CH2  sing Y N 308 
TRP CZ3 HZ3  sing N N 309 
TRP CH2 HH2  sing N N 310 
TRP OXT HXT  sing N N 311 
TYR N   CA   sing N N 312 
TYR N   H    sing N N 313 
TYR N   H2   sing N N 314 
TYR CA  C    sing N N 315 
TYR CA  CB   sing N N 316 
TYR CA  HA   sing N N 317 
TYR C   O    doub N N 318 
TYR C   OXT  sing N N 319 
TYR CB  CG   sing N N 320 
TYR CB  HB2  sing N N 321 
TYR CB  HB3  sing N N 322 
TYR CG  CD1  doub Y N 323 
TYR CG  CD2  sing Y N 324 
TYR CD1 CE1  sing Y N 325 
TYR CD1 HD1  sing N N 326 
TYR CD2 CE2  doub Y N 327 
TYR CD2 HD2  sing N N 328 
TYR CE1 CZ   doub Y N 329 
TYR CE1 HE1  sing N N 330 
TYR CE2 CZ   sing Y N 331 
TYR CE2 HE2  sing N N 332 
TYR CZ  OH   sing N N 333 
TYR OH  HH   sing N N 334 
TYR OXT HXT  sing N N 335 
VAL N   CA   sing N N 336 
VAL N   H    sing N N 337 
VAL N   H2   sing N N 338 
VAL CA  C    sing N N 339 
VAL CA  CB   sing N N 340 
VAL CA  HA   sing N N 341 
VAL C   O    doub N N 342 
VAL C   OXT  sing N N 343 
VAL CB  CG1  sing N N 344 
VAL CB  CG2  sing N N 345 
VAL CB  HB   sing N N 346 
VAL CG1 HG11 sing N N 347 
VAL CG1 HG12 sing N N 348 
VAL CG1 HG13 sing N N 349 
VAL CG2 HG21 sing N N 350 
VAL CG2 HG22 sing N N 351 
VAL CG2 HG23 sing N N 352 
VAL OXT HXT  sing N N 353 
# 
_pdbx_audit_support.funding_organization   'National Research Foundation (NRF, Korea)' 
_pdbx_audit_support.country                'Korea, Republic Of' 
_pdbx_audit_support.grant_number           ? 
_pdbx_audit_support.ordinal                1 
# 
_pdbx_initial_refinement_model.id               1 
_pdbx_initial_refinement_model.entity_id_list   ? 
_pdbx_initial_refinement_model.type             'experimental model' 
_pdbx_initial_refinement_model.source_name      Other 
_pdbx_initial_refinement_model.accession_code   ? 
_pdbx_initial_refinement_model.details          'SAD phasing structure' 
# 
_space_group.name_H-M_alt     'P 41 21 2' 
_space_group.name_Hall        'P 4abw 2nw' 
_space_group.IT_number        92 
_space_group.crystal_system   tetragonal 
_space_group.id               1 
# 
_atom_sites.entry_id                    8YZG 
_atom_sites.Cartn_transf_matrix[1][1]   ? 
_atom_sites.Cartn_transf_matrix[1][2]   ? 
_atom_sites.Cartn_transf_matrix[1][3]   ? 
_atom_sites.Cartn_transf_matrix[2][1]   ? 
_atom_sites.Cartn_transf_matrix[2][2]   ? 
_atom_sites.Cartn_transf_matrix[2][3]   ? 
_atom_sites.Cartn_transf_matrix[3][1]   ? 
_atom_sites.Cartn_transf_matrix[3][2]   ? 
_atom_sites.Cartn_transf_matrix[3][3]   ? 
_atom_sites.Cartn_transf_vector[1]      ? 
_atom_sites.Cartn_transf_vector[2]      ? 
_atom_sites.Cartn_transf_vector[3]      ? 
_atom_sites.Cartn_transform_axes        ? 
_atom_sites.fract_transf_matrix[1][1]   -0.01931700 
_atom_sites.fract_transf_matrix[1][2]   0.00209591 
_atom_sites.fract_transf_matrix[1][3]   -0.01850016 
_atom_sites.fract_transf_matrix[2][1]   -0.01792138 
_atom_sites.fract_transf_matrix[2][2]   0.00513339 
_atom_sites.fract_transf_matrix[2][3]   0.01929424 
_atom_sites.fract_transf_matrix[3][1]   0.00209490 
_atom_sites.fract_transf_matrix[3][2]   0.01089558 
_atom_sites.fract_transf_matrix[3][3]   -0.00095302 
_atom_sites.fract_transf_vector[1]      0.233676 
_atom_sites.fract_transf_vector[2]      0.294009 
_atom_sites.fract_transf_vector[3]      0.463187 
_atom_sites.solution_primary            ? 
_atom_sites.solution_secondary          ? 
_atom_sites.solution_hydrogens          ? 
_atom_sites.special_details             ? 
# 
loop_
_atom_type.symbol 
_atom_type.scat_dispersion_real 
_atom_type.scat_dispersion_imag 
_atom_type.scat_Cromer_Mann_a1 
_atom_type.scat_Cromer_Mann_a2 
_atom_type.scat_Cromer_Mann_a3 
_atom_type.scat_Cromer_Mann_a4 
_atom_type.scat_Cromer_Mann_b1 
_atom_type.scat_Cromer_Mann_b2 
_atom_type.scat_Cromer_Mann_b3 
_atom_type.scat_Cromer_Mann_b4 
_atom_type.scat_Cromer_Mann_c 
_atom_type.scat_source 
_atom_type.scat_dispersion_source 
C ? ? 3.54356 2.42580 ? ? 25.62398 1.50364  ? ? 0.0 
;2-Gaussian fit: Grosse-Kunstleve RW, Sauter NK, Adams PD: Newsletter of the IUCr Commission on Crystallographic Computing 2004, 3, 22-31.
;
? 
N ? ? 4.01032 2.96436 ? ? 19.97189 1.75589  ? ? 0.0 
;2-Gaussian fit: Grosse-Kunstleve RW, Sauter NK, Adams PD: Newsletter of the IUCr Commission on Crystallographic Computing 2004, 3, 22-31.
;
? 
O ? ? 4.49882 3.47563 ? ? 15.80542 1.70748  ? ? 0.0 
;2-Gaussian fit: Grosse-Kunstleve RW, Sauter NK, Adams PD: Newsletter of the IUCr Commission on Crystallographic Computing 2004, 3, 22-31.
;
? 
S ? ? 9.55732 6.39887 ? ? 1.23737  29.19336 ? ? 0.0 
;2-Gaussian fit: Grosse-Kunstleve RW, Sauter NK, Adams PD: Newsletter of the IUCr Commission on Crystallographic Computing 2004, 3, 22-31.
;
? 
# 
loop_
_atom_site.group_PDB 
_atom_site.id 
_atom_site.type_symbol 
_atom_site.label_atom_id 
_atom_site.label_alt_id 
_atom_site.label_comp_id 
_atom_site.label_asym_id 
_atom_site.label_entity_id 
_atom_site.label_seq_id 
_atom_site.pdbx_PDB_ins_code 
_atom_site.Cartn_x 
_atom_site.Cartn_y 
_atom_site.Cartn_z 
_atom_site.occupancy 
_atom_site.B_iso_or_equiv 
_atom_site.pdbx_formal_charge 
_atom_site.auth_seq_id 
_atom_site.auth_comp_id 
_atom_site.auth_asym_id 
_atom_site.auth_atom_id 
_atom_site.pdbx_PDB_model_num 
ATOM   1   N N   . MET A 1 1  ? -3.49918  -2.16873  9.92490   1.000 26.03179 ? 1   MET A N   1 
ATOM   2   C CA  . MET A 1 1  ? -2.65766  -2.30601  8.74171   1.000 23.61629 ? 1   MET A CA  1 
ATOM   3   C C   . MET A 1 1  ? -1.22747  -2.68404  9.11895   1.000 18.61170 ? 1   MET A C   1 
ATOM   4   O O   . MET A 1 1  ? -0.70153  -2.17900  10.10991  1.000 20.56478 ? 1   MET A O   1 
ATOM   5   C CB  . MET A 1 1  ? -2.64549  -0.99770  7.94672   1.000 24.62506 ? 1   MET A CB  1 
ATOM   6   C CG  . MET A 1 1  ? -1.96892  -1.13765  6.60038   1.000 21.89336 ? 1   MET A CG  1 
ATOM   7   S SD  . MET A 1 1  ? -1.77292  0.37095   5.64968   1.000 17.43635 ? 1   MET A SD  1 
ATOM   8   C CE  . MET A 1 1  ? -3.39411  1.10776   5.74888   1.000 19.34674 ? 1   MET A CE  1 
ATOM   9   N N   . GLU A 1 2  ? -0.60485  -3.55961  8.32734   1.000 17.02573 ? 2   GLU A N   1 
ATOM   10  C CA  . GLU A 1 2  ? 0.79145   -3.90674  8.56426   1.000 15.08546 ? 2   GLU A CA  1 
ATOM   11  C C   . GLU A 1 2  ? 1.65848   -2.65736  8.47102   1.000 15.28743 ? 2   GLU A C   1 
ATOM   12  O O   . GLU A 1 2  ? 1.48018   -1.81380  7.58499   1.000 15.02400 ? 2   GLU A O   1 
ATOM   13  C CB  . GLU A 1 2  ? 1.27928   -4.97196  7.56608   1.000 22.07606 ? 2   GLU A CB  1 
ATOM   14  C CG  . GLU A 1 2  ? 2.72475   -5.49004  7.80424   1.000 22.86733 ? 2   GLU A CG  1 
ATOM   15  C CD  . GLU A 1 2  ? 3.01205   -6.85008  7.14790   1.000 24.76338 ? 2   GLU A CD  1 
ATOM   16  O OE1 . GLU A 1 2  ? 2.07171   -7.43875  6.57174   1.000 30.40078 ? 2   GLU A OE1 1 
ATOM   17  O OE2 . GLU A 1 2  ? 4.17350   -7.33891  7.20067   1.000 19.12908 ? 2   GLU A OE2 1 
ATOM   18  N N   . ALA A 1 3  ? 2.57883   -2.52082  9.41572   1.000 11.93779 ? 3   ALA A N   1 
ATOM   19  C CA  . ALA A 1 3  ? 3.49466   -1.39431  9.47073   1.000 12.56597 ? 3   ALA A CA  1 
ATOM   20  C C   . ALA A 1 3  ? 4.91214   -1.92970  9.35154   1.000 10.74474 ? 3   ALA A C   1 
ATOM   21  O O   . ALA A 1 3  ? 5.27688   -2.90111  10.02810  1.000 12.99172 ? 3   ALA A O   1 
ATOM   22  C CB  . ALA A 1 3  ? 3.31946   -0.60887  10.76929  1.000 16.66843 ? 3   ALA A CB  1 
ATOM   23  N N   . VAL A 1 4  ? 5.70374   -1.30445  8.48999   1.000 9.46842  ? 4   VAL A N   1 
ATOM   24  C CA  . VAL A 1 4  ? 7.03911   -1.76967  8.13859   1.000 9.68858  ? 4   VAL A CA  1 
ATOM   25  C C   . VAL A 1 4  ? 8.00429   -0.60143  8.28463   1.000 9.77176  ? 4   VAL A C   1 
ATOM   26  O O   . VAL A 1 4  ? 7.78642   0.46788   7.70110   1.000 9.42141  ? 4   VAL A O   1 
ATOM   27  C CB  . VAL A 1 4  ? 7.07680   -2.29981  6.69324   1.000 8.80991  ? 4   VAL A CB  1 
ATOM   28  C CG1 . VAL A 1 4  ? 8.47200   -2.78940  6.34824   1.000 10.98847 ? 4   VAL A CG1 1 
ATOM   29  C CG2 . VAL A 1 4  ? 6.03344   -3.38789  6.49115   1.000 11.29113 ? 4   VAL A CG2 1 
ATOM   30  N N   . LEU A 1 5  ? 9.08709   -0.81035  9.03118   1.000 9.00968  ? 5   LEU A N   1 
ATOM   31  C CA  . LEU A 1 5  ? 10.12442  0.21084   9.14624   1.000 10.53884 ? 5   LEU A CA  1 
ATOM   32  C C   . LEU A 1 5  ? 10.77255  0.48509   7.79610   1.000 9.11218  ? 5   LEU A C   1 
ATOM   33  O O   . LEU A 1 5  ? 10.98718  -0.42409  6.99263   1.000 9.13946  ? 5   LEU A O   1 
ATOM   34  C CB  . LEU A 1 5  ? 11.20352  -0.26020  10.12024  1.000 10.92336 ? 5   LEU A CB  1 
ATOM   35  C CG  . LEU A 1 5  ? 10.71222  -0.40429  11.56091  1.000 12.81393 ? 5   LEU A CG  1 
ATOM   36  C CD1 . LEU A 1 5  ? 11.74440  -1.14533  12.39257  1.000 15.28684 ? 5   LEU A CD1 1 
ATOM   37  C CD2 . LEU A 1 5  ? 10.38683  0.94545   12.17015  1.000 16.14616 ? 5   LEU A CD2 1 
ATOM   38  N N   . TYR A 1 6  ? 11.11764  1.75588   7.56395   1.000 8.59369  ? 6   TYR A N   1 
ATOM   39  C CA  . TYR A 1 6  ? 11.75766  2.13821   6.30998   1.000 9.68534  ? 6   TYR A CA  1 
ATOM   40  C C   . TYR A 1 6  ? 12.91122  1.20755   5.93268   1.000 9.75978  ? 6   TYR A C   1 
ATOM   41  O O   . TYR A 1 6  ? 12.98807  0.72848   4.79837   1.000 9.98323  ? 6   TYR A O   1 
ATOM   42  C CB  . TYR A 1 6  ? 12.26588  3.58261   6.37989   1.000 11.18191 ? 6   TYR A CB  1 
ATOM   43  C CG  . TYR A 1 6  ? 13.08567  3.89430   5.15135   1.000 11.17231 ? 6   TYR A CG  1 
ATOM   44  C CD1 . TYR A 1 6  ? 12.46992  4.13461   3.92452   1.000 13.13402 ? 6   TYR A CD1 1 
ATOM   45  C CD2 . TYR A 1 6  ? 14.47644  3.86462   5.19238   1.000 13.24658 ? 6   TYR A CD2 1 
ATOM   46  C CE1 . TYR A 1 6  ? 13.22358  4.37276   2.78307   1.000 15.11975 ? 6   TYR A CE1 1 
ATOM   47  C CE2 . TYR A 1 6  ? 15.23037  4.09409   4.05662   1.000 16.28677 ? 6   TYR A CE2 1 
ATOM   48  C CZ  . TYR A 1 6  ? 14.59681  4.34534   2.85637   1.000 14.45817 ? 6   TYR A CZ  1 
ATOM   49  O OH  . TYR A 1 6  ? 15.34198  4.58600   1.71929   1.000 19.34833 ? 6   TYR A OH  1 
ATOM   50  N N   . SER A 1 7  ? 13.84657  0.97400   6.85705   1.000 10.18924 ? 7   SER A N   1 
ATOM   51  C CA  . SER A 1 7  ? 15.01667  0.17501   6.49526   1.000 11.19843 ? 7   SER A CA  1 
ATOM   52  C C   . SER A 1 7  ? 14.61710  -1.23578  6.07633   1.000 10.54751 ? 7   SER A C   1 
ATOM   53  O O   . SER A 1 7  ? 15.17514  -1.79968  5.12670   1.000 10.45653 ? 7   SER A O   1 
ATOM   54  C CB  . SER A 1 7  ? 16.01953  0.13857   7.64900   1.000 13.31649 ? 7   SER A CB  1 
ATOM   55  O OG  . SER A 1 7  ? 15.42488  -0.30195  8.85141   1.000 19.71130 ? 7   SER A OG  1 
ATOM   56  N N   . THR A 1 8  ? 13.63045  -1.81027  6.75976   1.000 9.38788  ? 8   THR A N   1 
ATOM   57  C CA  . THR A 1 8  ? 13.17402  -3.15203  6.41650   1.000 9.83048  ? 8   THR A CA  1 
ATOM   58  C C   . THR A 1 8  ? 12.50016  -3.17190  5.05145   1.000 8.79849  ? 8   THR A C   1 
ATOM   59  O O   . THR A 1 8  ? 12.71893  -4.09072  4.25183   1.000 9.33748  ? 8   THR A O   1 
ATOM   60  C CB  . THR A 1 8  ? 12.23832  -3.65035  7.50631   1.000 7.79028  ? 8   THR A CB  1 
ATOM   61  O OG1 . THR A 1 8  ? 12.95393  -3.63767  8.75054   1.000 10.21529 ? 8   THR A OG1 1 
ATOM   62  C CG2 . THR A 1 8  ? 11.75470  -5.04879  7.20856   1.000 10.11695 ? 8   THR A CG2 1 
ATOM   63  N N   . PHE A 1 9  ? 11.67386  -2.16400  4.77859   1.000 8.30948  ? 9   PHE A N   1 
ATOM   64  C CA  . PHE A 1 9  ? 11.03452  -2.03480  3.47434   1.000 8.97544  ? 9   PHE A CA  1 
ATOM   65  C C   . PHE A 1 9  ? 12.07351  -1.93254  2.35567   1.000 8.99689  ? 9   PHE A C   1 
ATOM   66  O O   . PHE A 1 9  ? 12.00907  -2.66637  1.36189   1.000 9.25584  ? 9   PHE A O   1 
ATOM   67  C CB  . PHE A 1 9  ? 10.12256  -0.80785  3.51983   1.000 10.29676 ? 9   PHE A CB  1 
ATOM   68  C CG  . PHE A 1 9  ? 9.38437   -0.54411  2.24051   1.000 8.69766  ? 9   PHE A CG  1 
ATOM   69  C CD1 . PHE A 1 9  ? 8.38501   -1.39739  1.80518   1.000 9.59913  ? 9   PHE A CD1 1 
ATOM   70  C CD2 . PHE A 1 9  ? 9.69571   0.56068   1.46508   1.000 10.18047 ? 9   PHE A CD2 1 
ATOM   71  C CE1 . PHE A 1 9  ? 7.69735   -1.15387  0.60755   1.000 9.86700  ? 9   PHE A CE1 1 
ATOM   72  C CE2 . PHE A 1 9  ? 9.00192   0.81800   0.28381   1.000 10.60848 ? 9   PHE A CE2 1 
ATOM   73  C CZ  . PHE A 1 9  ? 8.01977   -0.04149  -0.14533  1.000 10.40511 ? 9   PHE A CZ  1 
ATOM   74  N N   . ARG A 1 10 ? 13.05286  -1.03854  2.51828   1.000 8.68169  ? 10  ARG A N   1 
ATOM   75  C CA  . ARG A 1 10 ? 14.10078  -0.87405  1.51575   1.000 10.42699 ? 10  ARG A CA  1 
ATOM   76  C C   . ARG A 1 10 ? 14.86238  -2.17561  1.29296   1.000 12.15269 ? 10  ARG A C   1 
ATOM   77  O O   . ARG A 1 10 ? 15.15571  -2.54431  0.15162   1.000 14.52574 ? 10  ARG A O   1 
ATOM   78  C CB  . ARG A 1 10 ? 15.03979  0.24864   1.96108   1.000 13.31620 ? 10  ARG A CB  1 
ATOM   79  C CG  . ARG A 1 10 ? 16.20956  0.51537   1.03933   1.000 14.53340 ? 10  ARG A CG  1 
ATOM   80  C CD  . ARG A 1 10 ? 17.36873  1.10704   1.82244   1.000 21.34185 ? 10  ARG A CD  1 
ATOM   81  N NE  . ARG A 1 10 ? 17.75020  0.23065   2.92586   1.000 25.63181 ? 10  ARG A NE  1 
ATOM   82  C CZ  . ARG A 1 10 ? 18.23728  0.65190   4.08718   1.000 24.58416 ? 10  ARG A CZ  1 
ATOM   83  N NH1 . ARG A 1 10 ? 18.41349  1.94857   4.30591   1.000 27.13483 ? 10  ARG A NH1 1 
ATOM   84  N NH2 . ARG A 1 10 ? 18.54850  -0.22805  5.03175   1.000 23.86139 ? 10  ARG A NH2 1 
ATOM   85  N N   . ASN A 1 11 ? 15.15297  -2.90432  2.37353   1.000 9.95884  ? 11  ASN A N   1 
ATOM   86  C CA  . ASN A 1 11 ? 15.95718  -4.12009  2.28379   1.000 12.52777 ? 11  ASN A CA  1 
ATOM   87  C C   . ASN A 1 11 ? 15.20867  -5.27715  1.65159   1.000 10.76337 ? 11  ASN A C   1 
ATOM   88  O O   . ASN A 1 11 ? 15.83333  -6.27906  1.29173   1.000 13.04222 ? 11  ASN A O   1 
ATOM   89  C CB  . ASN A 1 11 ? 16.36910  -4.60048  3.67824   1.000 15.44793 ? 11  ASN A CB  1 
ATOM   90  C CG  . ASN A 1 11 ? 17.37299  -3.70499  4.32920   1.000 18.97685 ? 11  ASN A CG  1 
ATOM   91  O OD1 . ASN A 1 11 ? 18.04365  -2.92208  3.66092   1.000 18.93030 ? 11  ASN A OD1 1 
ATOM   92  N ND2 . ASN A 1 11 ? 17.49206  -3.81621  5.65440   1.000 20.39284 ? 11  ASN A ND2 1 
ATOM   93  N N   . HIS A 1 12 ? 13.88508  -5.19505  1.55639   1.000 10.50806 ? 12  HIS A N   1 
ATOM   94  C CA  . HIS A 1 12 ? 13.07549  -6.30079  1.06008   1.000 10.77535 ? 12  HIS A CA  1 
ATOM   95  C C   . HIS A 1 12 ? 12.00320  -5.78550  0.11956   1.000 10.53063 ? 12  HIS A C   1 
ATOM   96  O O   . HIS A 1 12 ? 10.86436  -6.25626  0.13065   1.000 9.78104  ? 12  HIS A O   1 
ATOM   97  C CB  . HIS A 1 12 ? 12.45786  -7.08458  2.21560   1.000 11.59084 ? 12  HIS A CB  1 
ATOM   98  C CG  . HIS A 1 12 ? 13.47417  -7.58973  3.18477   1.000 10.88188 ? 12  HIS A CG  1 
ATOM   99  N ND1 . HIS A 1 12 ? 14.21383  -8.73102  2.95321   1.000 16.94001 ? 12  HIS A ND1 1 
ATOM   100 C CD2 . HIS A 1 12 ? 13.90570  -7.09010  4.36468   1.000 12.41427 ? 12  HIS A CD2 1 
ATOM   101 C CE1 . HIS A 1 12 ? 15.04894  -8.91693  3.95857   1.000 16.00324 ? 12  HIS A CE1 1 
ATOM   102 N NE2 . HIS A 1 12 ? 14.88113  -7.94065  4.82868   1.000 15.13385 ? 12  HIS A NE2 1 
ATOM   103 N N   . LEU A 1 13 ? 12.37949  -4.84503  -0.74536  1.000 10.38092 ? 13  LEU A N   1 
ATOM   104 C CA  . LEU A 1 13 ? 11.39741  -4.10128  -1.52648  1.000 9.52131  ? 13  LEU A CA  1 
ATOM   105 C C   . LEU A 1 13 ? 10.56115  -5.02001  -2.41000  1.000 10.38940 ? 13  LEU A C   1 
ATOM   106 O O   . LEU A 1 13 ? 9.32587   -4.94719  -2.40220  1.000 8.92412  ? 13  LEU A O   1 
ATOM   107 C CB  . LEU A 1 13 ? 12.12285  -3.06450  -2.37438  1.000 12.29820 ? 13  LEU A CB  1 
ATOM   108 C CG  . LEU A 1 13 ? 11.25759  -2.09154  -3.15721  1.000 13.32931 ? 13  LEU A CG  1 
ATOM   109 C CD1 . LEU A 1 13 ? 10.35517  -1.37161  -2.19475  1.000 16.05987 ? 13  LEU A CD1 1 
ATOM   110 C CD2 . LEU A 1 13 ? 12.13041  -1.10424  -3.91358  1.000 15.54518 ? 13  LEU A CD2 1 
ATOM   111 N N   . LYS A 1 14 ? 11.21146  -5.90945  -3.16793  1.000 10.53346 ? 14  LYS A N   1 
ATOM   112 C CA  . LYS A 1 14 ? 10.46689  -6.79869  -4.05179  1.000 11.66073 ? 14  LYS A CA  1 
ATOM   113 C C   . LYS A 1 14 ? 9.53985   -7.71300  -3.26294  1.000 10.25578 ? 14  LYS A C   1 
ATOM   114 O O   . LYS A 1 14 ? 8.39882   -7.95518  -3.67618  1.000 10.13415 ? 14  LYS A O   1 
ATOM   115 C CB  . LYS A 1 14 ? 11.41746  -7.61770  -4.92762  1.000 14.09225 ? 14  LYS A CB  1 
ATOM   116 C CG  . LYS A 1 14 ? 12.10012  -6.81622  -6.03145  1.000 16.81780 ? 14  LYS A CG  1 
ATOM   117 C CD  . LYS A 1 14 ? 12.85019  -7.73238  -6.99155  1.000 23.73410 ? 14  LYS A CD  1 
ATOM   118 C CE  . LYS A 1 14 ? 13.84606  -6.95752  -7.83503  1.000 27.63457 ? 14  LYS A CE  1 
ATOM   119 N NZ  . LYS A 1 14 ? 14.68315  -7.87344  -8.66368  1.000 34.69181 ? 14  LYS A NZ  1 
ATOM   120 N N   . ASP A 1 15 ? 10.00322  -8.23553  -2.12399  1.000 9.39646  ? 15  ASP A N   1 
ATOM   121 C CA  . ASP A 1 15 ? 9.13635   -9.08031  -1.30720  1.000 10.91769 ? 15  ASP A CA  1 
ATOM   122 C C   . ASP A 1 15 ? 7.87988   -8.33219  -0.87117  1.000 8.85915  ? 15  ASP A C   1 
ATOM   123 O O   . ASP A 1 15 ? 6.77767   -8.89698  -0.87715  1.000 9.22777  ? 15  ASP A O   1 
ATOM   124 C CB  . ASP A 1 15 ? 9.87968   -9.60141  -0.07229  1.000 11.66319 ? 15  ASP A CB  1 
ATOM   125 C CG  . ASP A 1 15 ? 10.88079  -10.70401 -0.38823  1.000 17.74115 ? 15  ASP A CG  1 
ATOM   126 O OD1 . ASP A 1 15 ? 10.83091  -11.27837 -1.49311  1.000 22.50482 ? 15  ASP A OD1 1 
ATOM   127 O OD2 . ASP A 1 15 ? 11.71626  -10.99116 0.49525   1.000 25.21853 ? 15  ASP A OD2 1 
ATOM   128 N N   . TYR A 1 16 ? 8.02137   -7.07497  -0.46276  1.000 8.61988  ? 16  TYR A N   1 
ATOM   129 C CA  . TYR A 1 16 ? 6.84953   -6.32221  -0.02846  1.000 7.70648  ? 16  TYR A CA  1 
ATOM   130 C C   . TYR A 1 16 ? 5.92268   -5.97874  -1.18902  1.000 8.24776  ? 16  TYR A C   1 
ATOM   131 O O   . TYR A 1 16 ? 4.69683   -5.94758  -1.01745  1.000 8.63135  ? 16  TYR A O   1 
ATOM   132 C CB  . TYR A 1 16 ? 7.27086   -5.09863  0.77467   1.000 8.32762  ? 16  TYR A CB  1 
ATOM   133 C CG  . TYR A 1 16 ? 7.65858   -5.44665  2.19074   1.000 7.04250  ? 16  TYR A CG  1 
ATOM   134 C CD1 . TYR A 1 16 ? 6.72331   -5.99313  3.07860   1.000 9.36536  ? 16  TYR A CD1 1 
ATOM   135 C CD2 . TYR A 1 16 ? 8.95075   -5.23971  2.64284   1.000 8.28832  ? 16  TYR A CD2 1 
ATOM   136 C CE1 . TYR A 1 16 ? 7.06822   -6.31964  4.38834   1.000 9.53839  ? 16  TYR A CE1 1 
ATOM   137 C CE2 . TYR A 1 16 ? 9.30503   -5.55126  3.93983   1.000 9.21242  ? 16  TYR A CE2 1 
ATOM   138 C CZ  . TYR A 1 16 ? 8.37314   -6.09950  4.79933   1.000 8.36803  ? 16  TYR A CZ  1 
ATOM   139 O OH  . TYR A 1 16 ? 8.75572   -6.36946  6.09397   1.000 10.84404 ? 16  TYR A OH  1 
ATOM   140 N N   . MET A 1 17 ? 6.48031   -5.69176  -2.36479  1.000 7.91440  ? 17  MET A N   1 
ATOM   141 C CA  . MET A 1 17 ? 5.63930   -5.47195  -3.53513  1.000 9.21699  ? 17  MET A CA  1 
ATOM   142 C C   . MET A 1 17 ? 4.83593   -6.71854  -3.87248  1.000 8.97973  ? 17  MET A C   1 
ATOM   143 O O   . MET A 1 17 ? 3.63945   -6.63092  -4.17695  1.000 9.02353  ? 17  MET A O   1 
ATOM   144 C CB  . MET A 1 17 ? 6.50534   -5.03458  -4.70785  1.000 9.43415  ? 17  MET A CB  1 
ATOM   145 C CG  . MET A 1 17 ? 7.13949   -3.66393  -4.48279  1.000 8.10365  ? 17  MET A CG  1 
ATOM   146 S SD  . MET A 1 17 ? 8.19888   -3.18729  -5.85089  1.000 14.42798 ? 17  MET A SD  1 
ATOM   147 C CE  . MET A 1 17 ? 8.48270   -1.45644  -5.51029  1.000 17.39273 ? 17  MET A CE  1 
ATOM   148 N N   . LYS A 1 18 ? 5.47403   -7.88840  -3.80911  1.000 8.49882  ? 18  LYS A N   1 
ATOM   149 C CA  . LYS A 1 18 ? 4.74994   -9.12797  -4.05374  1.000 8.77746  ? 18  LYS A CA  1 
ATOM   150 C C   . LYS A 1 18 ? 3.69722   -9.35630  -2.98331  1.000 8.47498  ? 18  LYS A C   1 
ATOM   151 O O   . LYS A 1 18 ? 2.59258   -9.82614  -3.28288  1.000 9.17919  ? 18  LYS A O   1 
ATOM   152 C CB  . LYS A 1 18 ? 5.73295   -10.29343 -4.11707  1.000 9.77752  ? 18  LYS A CB  1 
ATOM   153 C CG  . LYS A 1 18 ? 6.60871   -10.26680 -5.35638  1.000 11.12858 ? 18  LYS A CG  1 
ATOM   154 C CD  . LYS A 1 18 ? 7.66015   -11.36703 -5.30449  1.000 16.77711 ? 18  LYS A CD  1 
ATOM   155 C CE  . LYS A 1 18 ? 8.57220   -11.30224 -6.51324  1.000 22.67904 ? 18  LYS A CE  1 
ATOM   156 N NZ  . LYS A 1 18 ? 9.64553   -12.33124 -6.42962  1.000 30.09344 ? 18  LYS A NZ  1 
ATOM   157 N N   . LYS A 1 19 ? 4.00140   -9.00756  -1.72955  1.000 7.53716  ? 19  LYS A N   1 
ATOM   158 C CA  . LYS A 1 19 ? 3.04630   -9.21044  -0.64361  1.000 8.54049  ? 19  LYS A CA  1 
ATOM   159 C C   . LYS A 1 19 ? 1.76633   -8.40902  -0.85407  1.000 9.33957  ? 19  LYS A C   1 
ATOM   160 O O   . LYS A 1 19 ? 0.66029   -8.95083  -0.74289  1.000 8.77057  ? 19  LYS A O   1 
ATOM   161 C CB  . LYS A 1 19 ? 3.69716   -8.80968  0.67358   1.000 11.73751 ? 19  LYS A CB  1 
ATOM   162 C CG  . LYS A 1 19 ? 3.17329   -9.51682  1.89482   1.000 20.33392 ? 19  LYS A CG  1 
ATOM   163 C CD  . LYS A 1 19 ? 4.18255   -9.40088  3.03198   1.000 21.45805 ? 19  LYS A CD  1 
ATOM   164 C CE  . LYS A 1 19 ? 3.62453   -8.54367  4.12310   1.000 26.82404 ? 19  LYS A CE  1 
ATOM   165 N NZ  . LYS A 1 19 ? 2.38286   -9.14161  4.68263   1.000 26.36993 ? 19  LYS A NZ  1 
ATOM   166 N N   . VAL A 1 20 ? 1.88261   -7.10661  -1.14003  1.000 7.61985  ? 20  VAL A N   1 
ATOM   167 C CA  . VAL A 1 20 ? 0.66507   -6.30935  -1.26198  1.000 8.35825  ? 20  VAL A CA  1 
ATOM   168 C C   . VAL A 1 20 ? -0.15435  -6.77976  -2.44130  1.000 7.47087  ? 20  VAL A C   1 
ATOM   169 O O   . VAL A 1 20 ? -1.39193  -6.72068  -2.40925  1.000 8.07078  ? 20  VAL A O   1 
ATOM   170 C CB  . VAL A 1 20 ? 0.93509   -4.79104  -1.28728  1.000 7.69895  ? 20  VAL A CB  1 
ATOM   171 C CG1 . VAL A 1 20 ? 1.66141   -4.36025  -0.01515  1.000 9.51500  ? 20  VAL A CG1 1 
ATOM   172 C CG2 . VAL A 1 20 ? 1.70177   -4.37765  -2.53167  1.000 8.57291  ? 20  VAL A CG2 1 
ATOM   173 N N   . ASN A 1 21 ? 0.50886   -7.26700  -3.49191  1.000 7.50542  ? 21  ASN A N   1 
ATOM   174 C CA  . ASN A 1 21 ? -0.20729  -7.84901  -4.62332  1.000 8.44188  ? 21  ASN A CA  1 
ATOM   175 C C   . ASN A 1 21 ? -0.87216  -9.16168  -4.23965  1.000 9.57669  ? 21  ASN A C   1 
ATOM   176 O O   . ASN A 1 21 ? -2.06910  -9.35845  -4.47482  1.000 8.96284  ? 21  ASN A O   1 
ATOM   177 C CB  . ASN A 1 21 ? 0.76762   -8.05802  -5.78171  1.000 9.33024  ? 21  ASN A CB  1 
ATOM   178 C CG  . ASN A 1 21 ? 0.87674   -6.84278  -6.65640  1.000 9.30935  ? 21  ASN A CG  1 
ATOM   179 O OD1 . ASN A 1 21 ? 0.04566   -6.61619  -7.52692  1.000 11.15537 ? 21  ASN A OD1 1 
ATOM   180 N ND2 . ASN A 1 21 ? 1.89900   -6.03012  -6.41578  1.000 11.72670 ? 21  ASN A ND2 1 
ATOM   181 N N   . ASP A 1 22 ? -0.11730  -10.06305 -3.63219  1.000 7.54223  ? 22  ASP A N   1 
ATOM   182 C CA  . ASP A 1 22 ? -0.63724  -11.40309 -3.39958  1.000 8.37958  ? 22  ASP A CA  1 
ATOM   183 C C   . ASP A 1 22 ? -1.70372  -11.42240 -2.31330  1.000 9.24871  ? 22  ASP A C   1 
ATOM   184 O O   . ASP A 1 22 ? -2.55432  -12.32161 -2.30056  1.000 9.86815  ? 22  ASP A O   1 
ATOM   185 C CB  . ASP A 1 22 ? 0.50589   -12.33428 -3.01712  1.000 9.52274  ? 22  ASP A CB  1 
ATOM   186 C CG  . ASP A 1 22 ? 1.50537   -12.53613 -4.13421  1.000 12.40790 ? 22  ASP A CG  1 
ATOM   187 O OD1 . ASP A 1 22 ? 1.22084   -12.17957 -5.29428  1.000 13.99143 ? 22  ASP A OD1 1 
ATOM   188 O OD2 . ASP A 1 22 ? 2.60315   -13.06827 -3.83987  1.000 15.32315 ? 22  ASP A OD2 1 
ATOM   189 N N   . GLU A 1 23 ? -1.66839  -10.46606 -1.38896  1.000 8.71493  ? 23  GLU A N   1 
ATOM   190 C CA  . GLU A 1 23 ? -2.59077  -10.42550 -0.26600  1.000 9.52023  ? 23  GLU A CA  1 
ATOM   191 C C   . GLU A 1 23 ? -3.74610  -9.45176  -0.45104  1.000 9.29444  ? 23  GLU A C   1 
ATOM   192 O O   . GLU A 1 23 ? -4.69334  -9.49470  0.34300   1.000 10.12618 ? 23  GLU A O   1 
ATOM   193 C CB  . GLU A 1 23 ? -1.83761  -10.09727 1.03540   1.000 11.55453 ? 23  GLU A CB  1 
ATOM   194 C CG  . GLU A 1 23 ? -0.78529  -11.13822 1.37260   1.000 12.71611 ? 23  GLU A CG  1 
ATOM   195 C CD  . GLU A 1 23 ? 0.04767   -10.78823 2.58187   1.000 20.43607 ? 23  GLU A CD  1 
ATOM   196 O OE1 . GLU A 1 23 ? -0.02669  -9.63597  3.05024   1.000 19.28328 ? 23  GLU A OE1 1 
ATOM   197 O OE2 . GLU A 1 23 ? 0.78529   -11.68173 3.05729   1.000 22.83612 ? 23  GLU A OE2 1 
ATOM   198 N N   . PHE A 1 24 ? -3.70274  -8.56891  -1.45867  1.000 7.49178  ? 24  PHE A N   1 
ATOM   199 C CA  . PHE A 1 24 ? -4.72740  -7.53048  -1.61924  1.000 9.39101  ? 24  PHE A CA  1 
ATOM   200 C C   . PHE A 1 24 ? -4.90780  -6.75017  -0.31794  1.000 11.39234 ? 24  PHE A C   1 
ATOM   201 O O   . PHE A 1 24 ? -6.02768  -6.50259  0.13793   1.000 11.84216 ? 24  PHE A O   1 
ATOM   202 C CB  . PHE A 1 24 ? -6.04616  -8.14089  -2.10793  1.000 9.57462  ? 24  PHE A CB  1 
ATOM   203 C CG  . PHE A 1 24 ? -6.95840  -7.18679  -2.85011  1.000 9.52810  ? 24  PHE A CG  1 
ATOM   204 C CD1 . PHE A 1 24 ? -6.75127  -6.89611  -4.19025  1.000 10.23053 ? 24  PHE A CD1 1 
ATOM   205 C CD2 . PHE A 1 24 ? -8.06455  -6.64300  -2.21414  1.000 10.61262 ? 24  PHE A CD2 1 
ATOM   206 C CE1 . PHE A 1 24 ? -7.62124  -6.06334  -4.87680  1.000 10.27190 ? 24  PHE A CE1 1 
ATOM   207 C CE2 . PHE A 1 24 ? -8.92323  -5.80212  -2.88973  1.000 12.31652 ? 24  PHE A CE2 1 
ATOM   208 C CZ  . PHE A 1 24 ? -8.70193  -5.51972  -4.22175  1.000 11.92294 ? 24  PHE A CZ  1 
ATOM   209 N N   . GLU A 1 25 ? -3.77844  -6.39331  0.30748   1.000 8.71726  ? 25  GLU A N   1 
ATOM   210 C CA  . GLU A 1 25 ? -3.75490  -5.66417  1.58058   1.000 10.90162 ? 25  GLU A CA  1 
ATOM   211 C C   . GLU A 1 25 ? -2.63890  -4.62174  1.53106   1.000 10.05068 ? 25  GLU A C   1 
ATOM   212 O O   . GLU A 1 25 ? -1.49465  -4.96342  1.17186   1.000 12.44513 ? 25  GLU A O   1 
ATOM   213 C CB  . GLU A 1 25 ? -3.52337  -6.59631  2.77867   1.000 12.98026 ? 25  GLU A CB  1 
ATOM   214 C CG  . GLU A 1 25 ? -4.64343  -7.57903  3.06623   1.000 16.08171 ? 25  GLU A CG  1 
ATOM   215 C CD  . GLU A 1 25 ? -5.78515  -6.94736  3.82460   1.000 19.68537 ? 25  GLU A CD  1 
ATOM   216 O OE1 . GLU A 1 25 ? -5.70112  -5.74412  4.15774   1.000 24.03376 ? 25  GLU A OE1 1 
ATOM   217 O OE2 . GLU A 1 25 ? -6.77922  -7.66160  4.08784   1.000 24.41426 ? 25  GLU A OE2 1 
ATOM   218 N N   . PRO A 1 26 ? -2.93196  -3.37622  1.88539   1.000 9.15331  ? 26  PRO A N   1 
ATOM   219 C CA  . PRO A 1 26 ? -1.90560  -2.32253  1.91359   1.000 9.63992  ? 26  PRO A CA  1 
ATOM   220 C C   . PRO A 1 26 ? -0.99627  -2.47632  3.12549   1.000 7.96263  ? 26  PRO A C   1 
ATOM   221 O O   . PRO A 1 26 ? -1.29943  -3.18442  4.08642   1.000 11.09215 ? 26  PRO A O   1 
ATOM   222 C CB  . PRO A 1 26 ? -2.73823  -1.05360  2.08479   1.000 9.84518  ? 26  PRO A CB  1 
ATOM   223 C CG  . PRO A 1 26 ? -3.91009  -1.52839  2.93991   1.000 15.16580 ? 26  PRO A CG  1 
ATOM   224 C CD  . PRO A 1 26 ? -4.22762  -2.91291  2.41364   1.000 11.17858 ? 26  PRO A CD  1 
ATOM   225 N N   . LEU A 1 27 ? 0.12472   -1.76279  3.08615   1.000 7.88676  ? 27  LEU A N   1 
ATOM   226 C CA  . LEU A 1 27 ? 0.97337   -1.65115  4.26117   1.000 8.47320  ? 27  LEU A CA  1 
ATOM   227 C C   . LEU A 1 27 ? 1.42883   -0.20878  4.39364   1.000 8.57782  ? 27  LEU A C   1 
ATOM   228 O O   . LEU A 1 27 ? 1.42169   0.55344   3.42733   1.000 9.03264  ? 27  LEU A O   1 
ATOM   229 C CB  . LEU A 1 27 ? 2.16176   -2.62049  4.21016   1.000 9.79790  ? 27  LEU A CB  1 
ATOM   230 C CG  . LEU A 1 27 ? 3.16573   -2.45400  3.06904   1.000 8.91724  ? 27  LEU A CG  1 
ATOM   231 C CD1 . LEU A 1 27 ? 4.22619   -1.37216  3.30226   1.000 12.56260 ? 27  LEU A CD1 1 
ATOM   232 C CD2 . LEU A 1 27 ? 3.82844   -3.80723  2.84168   1.000 11.95016 ? 27  LEU A CD2 1 
ATOM   233 N N   . THR A 1 28 ? 1.83490   0.16758   5.60003   1.000 9.20803  ? 28  THR A N   1 
ATOM   234 C CA  . THR A 1 28 ? 2.37640   1.49212   5.87621   1.000 10.08126 ? 28  THR A CA  1 
ATOM   235 C C   . THR A 1 28 ? 3.87075   1.36236   6.11109   1.000 8.70463  ? 28  THR A C   1 
ATOM   236 O O   . THR A 1 28 ? 4.31372   0.44423   6.80495   1.000 9.47261  ? 28  THR A O   1 
ATOM   237 C CB  . THR A 1 28 ? 1.73867   2.12362   7.11875   1.000 13.17222 ? 28  THR A CB  1 
ATOM   238 O OG1 . THR A 1 28 ? 1.94286   1.30578   8.26997   1.000 24.33657 ? 28  THR A OG1 1 
ATOM   239 C CG2 . THR A 1 28 ? 0.27979   2.38886   6.93928   1.000 11.08877 ? 28  THR A CG2 1 
ATOM   240 N N   . VAL A 1 29 ? 4.64607   2.26303   5.51563   1.000 9.20236  ? 29  VAL A N   1 
ATOM   241 C CA  . VAL A 1 29 ? 6.07973   2.35676   5.77157   1.000 8.35952  ? 29  VAL A CA  1 
ATOM   242 C C   . VAL A 1 29 ? 6.32793   3.48019   6.76389   1.000 10.88905 ? 29  VAL A C   1 
ATOM   243 O O   . VAL A 1 29 ? 5.89336   4.62666   6.55267   1.000 10.56718 ? 29  VAL A O   1 
ATOM   244 C CB  . VAL A 1 29 ? 6.87788   2.54487   4.47659   1.000 8.64454  ? 29  VAL A CB  1 
ATOM   245 C CG1 . VAL A 1 29 ? 8.37111   2.55951   4.78490   1.000 10.18968 ? 29  VAL A CG1 1 
ATOM   246 C CG2 . VAL A 1 29 ? 6.53636   1.43667   3.49237   1.000 10.70078 ? 29  VAL A CG2 1 
ATOM   247 N N   . VAL A 1 30 ? 7.02257   3.12885   7.84626   1.000 12.26524 ? 30  VAL A N   1 
ATOM   248 C CA  . VAL A 1 30 ? 7.20881   3.96909   9.02533   1.000 12.66249 ? 30  VAL A CA  1 
ATOM   249 C C   . VAL A 1 30 ? 8.58183   4.62213   8.92268   1.000 13.40983 ? 30  VAL A C   1 
ATOM   250 O O   . VAL A 1 30 ? 9.60194   3.93128   8.85696   1.000 12.01773 ? 30  VAL A O   1 
ATOM   251 C CB  . VAL A 1 30 ? 7.10312   3.11595   10.30355  1.000 14.88534 ? 30  VAL A CB  1 
ATOM   252 C CG1 . VAL A 1 30 ? 7.38583   3.93950   11.53131  1.000 19.37496 ? 30  VAL A CG1 1 
ATOM   253 C CG2 . VAL A 1 30 ? 5.73816   2.43606   10.40306  1.000 18.55883 ? 30  VAL A CG2 1 
ATOM   254 N N   . ASN A 1 31 ? 8.61874   5.95067   8.91117   1.000 17.03180 ? 31  ASN A N   1 
ATOM   255 C CA  . ASN A 1 31 ? 9.88080   6.67545   8.93823   1.000 22.81761 ? 31  ASN A CA  1 
ATOM   256 C C   . ASN A 1 31 ? 10.04069  7.39207   10.26950  1.000 20.03544 ? 31  ASN A C   1 
ATOM   257 O O   . ASN A 1 31 ? 9.07254   7.66211   10.97526  1.000 28.09927 ? 31  ASN A O   1 
ATOM   258 C CB  . ASN A 1 31 ? 9.95841   7.69924   7.80264   1.000 25.25584 ? 31  ASN A CB  1 
ATOM   259 C CG  . ASN A 1 31 ? 9.92396   7.05201   6.44862   1.000 24.55180 ? 31  ASN A CG  1 
ATOM   260 O OD1 . ASN A 1 31 ? 8.86638   6.93692   5.82955   1.000 24.04803 ? 31  ASN A OD1 1 
ATOM   261 N ND2 . ASN A 1 31 ? 11.07577  6.60352   5.98253   1.000 22.07167 ? 31  ASN A ND2 1 
ATOM   262 N N   . LYS A 1 32 ? 11.28936  7.71821   10.59813  1.000 29.76778 ? 32  LYS A N   1 
ATOM   263 C CA  . LYS A 1 32 ? 11.53010  8.57632   11.75048  1.000 31.39798 ? 32  LYS A CA  1 
ATOM   264 C C   . LYS A 1 32 ? 10.92766  9.95774   11.52602  1.000 31.84594 ? 32  LYS A C   1 
ATOM   265 O O   . LYS A 1 32 ? 10.40665  10.57337  12.46352  1.000 32.69025 ? 32  LYS A O   1 
ATOM   266 C CB  . LYS A 1 32 ? 13.03204  8.65754   12.04278  1.000 34.56541 ? 32  LYS A CB  1 
ATOM   267 C CG  . LYS A 1 32 ? 13.53482  7.67324   13.11665  1.000 37.55148 ? 32  LYS A CG  1 
ATOM   268 C CD  . LYS A 1 32 ? 13.34512  6.19824   12.72853  1.000 36.34914 ? 32  LYS A CD  1 
ATOM   269 C CE  . LYS A 1 32 ? 14.62617  5.38949   12.93988  1.000 37.59784 ? 32  LYS A CE  1 
ATOM   270 N NZ  . LYS A 1 32 ? 14.39261  3.99706   13.43942  1.000 35.30377 ? 32  LYS A NZ  1 
ATOM   271 N N   . ASN A 1 33 ? 10.97705  10.45530  10.28674  1.000 29.33526 ? 33  ASN A N   1 
ATOM   272 C CA  . ASN A 1 33 ? 10.30717  11.69726  9.92022   1.000 31.78405 ? 33  ASN A CA  1 
ATOM   273 C C   . ASN A 1 33 ? 8.90832   11.33947  9.45482   1.000 27.66756 ? 33  ASN A C   1 
ATOM   274 O O   . ASN A 1 33 ? 8.76207   10.71808  8.39073   1.000 23.54520 ? 33  ASN A O   1 
ATOM   275 C CB  . ASN A 1 33 ? 11.05572  12.38450  8.78332   1.000 32.89402 ? 33  ASN A CB  1 
ATOM   276 C CG  . ASN A 1 33 ? 12.28539  13.11851  9.25614   1.000 39.02890 ? 33  ASN A CG  1 
ATOM   277 O OD1 . ASN A 1 33 ? 12.45938  13.34620  10.45152  1.000 44.80929 ? 33  ASN A OD1 1 
ATOM   278 N ND2 . ASN A 1 33 ? 13.15251  13.49025  8.32052   1.000 41.74698 ? 33  ASN A ND2 1 
ATOM   279 N N   . PRO A 1 34 ? 7.85114   11.71204  10.18501  1.000 28.49161 ? 34  PRO A N   1 
ATOM   280 C CA  . PRO A 1 34 ? 6.49458   11.35939  9.73103   1.000 28.43193 ? 34  PRO A CA  1 
ATOM   281 C C   . PRO A 1 34 ? 6.13622   11.91550  8.35874   1.000 22.01334 ? 34  PRO A C   1 
ATOM   282 O O   . PRO A 1 34 ? 5.31127   11.32153  7.66296   1.000 21.31414 ? 34  PRO A O   1 
ATOM   283 C CB  . PRO A 1 34 ? 5.57439   11.91465  10.82929  1.000 31.45315 ? 34  PRO A CB  1 
ATOM   284 C CG  . PRO A 1 34 ? 6.47002   12.31891  11.96164  1.000 33.33860 ? 34  PRO A CG  1 
ATOM   285 C CD  . PRO A 1 34 ? 7.85859   12.48922  11.43746  1.000 28.32298 ? 34  PRO A CD  1 
ATOM   286 N N   . ASP A 1 35 ? 6.72784   13.02586  7.93241   1.000 23.10890 ? 35  ASP A N   1 
ATOM   287 C CA  . ASP A 1 35 ? 6.40735   13.55088  6.61014   1.000 21.35018 ? 35  ASP A CA  1 
ATOM   288 C C   . ASP A 1 35 ? 7.03617   12.75711  5.46792   1.000 22.47579 ? 35  ASP A C   1 
ATOM   289 O O   . ASP A 1 35 ? 6.99209   13.21151  4.32053   1.000 22.83825 ? 35  ASP A O   1 
ATOM   290 C CB  . ASP A 1 35 ? 6.69055   15.06214  6.52964   1.000 24.53695 ? 35  ASP A CB  1 
ATOM   291 C CG  . ASP A 1 35 ? 8.16648   15.39764  6.37682   1.000 29.50176 ? 35  ASP A CG  1 
ATOM   292 O OD1 . ASP A 1 35 ? 9.02401   14.49155  6.25254   1.000 30.70730 ? 35  ASP A OD1 1 
ATOM   293 O OD2 . ASP A 1 35 ? 8.47353   16.60562  6.38877   1.000 35.39805 ? 35  ASP A OD2 1 
ATOM   294 N N   . GLU A 1 36 ? 7.63242   11.60189  5.75421   1.000 20.66156 ? 36  GLU A N   1 
ATOM   295 C CA  . GLU A 1 36 ? 8.10330   10.68802  4.72746   1.000 18.36866 ? 36  GLU A CA  1 
ATOM   296 C C   . GLU A 1 36 ? 7.25189   9.43084   4.67086   1.000 16.43406 ? 36  GLU A C   1 
ATOM   297 O O   . GLU A 1 36 ? 7.47290   8.56760   3.80826   1.000 16.47985 ? 36  GLU A O   1 
ATOM   298 C CB  . GLU A 1 36 ? 9.56883   10.31186  4.97778   1.000 20.22312 ? 36  GLU A CB  1 
ATOM   299 C CG  . GLU A 1 36 ? 10.57678  11.42710  4.70210   1.000 23.40065 ? 36  GLU A CG  1 
ATOM   300 C CD  . GLU A 1 36 ? 11.94755  11.09247  5.26408   1.000 29.19908 ? 36  GLU A CD  1 
ATOM   301 O OE1 . GLU A 1 36 ? 12.12440  9.95053   5.74978   1.000 30.06775 ? 36  GLU A OE1 1 
ATOM   302 O OE2 . GLU A 1 36 ? 12.83719  11.96643  5.22137   1.000 34.10038 ? 36  GLU A OE2 1 
ATOM   303 N N   . ASP A 1 37 ? 6.26959   9.31920   5.54526   1.000 11.33478 ? 37  ASP A N   1 
ATOM   304 C CA  . ASP A 1 37 ? 5.56443   8.05130   5.70462   1.000 15.06104 ? 37  ASP A CA  1 
ATOM   305 C C   . ASP A 1 37 ? 4.60624   7.81999   4.55772   1.000 16.47302 ? 37  ASP A C   1 
ATOM   306 O O   . ASP A 1 37 ? 3.98548   8.75052   4.03468   1.000 15.44822 ? 37  ASP A O   1 
ATOM   307 C CB  . ASP A 1 37 ? 4.80405   7.99867   7.02553   1.000 18.66466 ? 37  ASP A CB  1 
ATOM   308 C CG  . ASP A 1 37 ? 5.70413   7.63129   8.20000   1.000 19.48911 ? 37  ASP A CG  1 
ATOM   309 O OD1 . ASP A 1 37 ? 6.91409   7.82598   8.08800   1.000 21.98198 ? 37  ASP A OD1 1 
ATOM   310 O OD2 . ASP A 1 37 ? 5.19584   7.10469   9.20023   1.000 21.67171 ? 37  ASP A OD2 1 
ATOM   311 N N   . ILE A 1 38 ? 4.48041   6.56361   4.16785   1.000 11.20898 ? 38  ILE A N   1 
ATOM   312 C CA  . ILE A 1 38 ? 3.75322   6.22338   2.95974   1.000 10.49799 ? 38  ILE A CA  1 
ATOM   313 C C   . ILE A 1 38 ? 2.89915   4.99571   3.19827   1.000 8.18681  ? 38  ILE A C   1 
ATOM   314 O O   . ILE A 1 38 ? 3.06359   4.25514   4.17445   1.000 8.37046  ? 38  ILE A O   1 
ATOM   315 C CB  . ILE A 1 38 ? 4.65571   6.00080   1.72275   1.000 9.61347  ? 38  ILE A CB  1 
ATOM   316 C CG1 . ILE A 1 38 ? 5.63775   4.85378   1.95950   1.000 13.15515 ? 38  ILE A CG1 1 
ATOM   317 C CG2 . ILE A 1 38 ? 5.39348   7.27409   1.33329   1.000 14.24556 ? 38  ILE A CG2 1 
ATOM   318 C CD1 . ILE A 1 38 ? 6.26316   4.31485   0.68589   1.000 12.67635 ? 38  ILE A CD1 1 
ATOM   319 N N   . VAL A 1 39 ? 1.96645   4.80894   2.28419   1.000 7.04716  ? 39  VAL A N   1 
ATOM   320 C CA  . VAL A 1 39 ? 1.17581   3.60419   2.15107   1.000 8.06529  ? 39  VAL A CA  1 
ATOM   321 C C   . VAL A 1 39 ? 1.48747   3.01175   0.78402   1.000 7.35897  ? 39  VAL A C   1 
ATOM   322 O O   . VAL A 1 39 ? 1.63942   3.74320   -0.20976  1.000 7.54207  ? 39  VAL A O   1 
ATOM   323 C CB  . VAL A 1 39 ? -0.33066  3.88734   2.34174   1.000 7.39148  ? 39  VAL A CB  1 
ATOM   324 C CG1 . VAL A 1 39 ? -1.15833  2.67637   1.93750   1.000 9.07119  ? 39  VAL A CG1 1 
ATOM   325 C CG2 . VAL A 1 39 ? -0.60844  4.27641   3.79313   1.000 10.71349 ? 39  VAL A CG2 1 
ATOM   326 N N   . VAL A 1 40 ? 1.64689   1.69220   0.76621   1.000 7.07499  ? 40  VAL A N   1 
ATOM   327 C CA  . VAL A 1 40 ? 1.96795   0.92407   -0.42285  1.000 6.52383  ? 40  VAL A CA  1 
ATOM   328 C C   . VAL A 1 40 ? 0.85198   -0.09507  -0.60245  1.000 7.27897  ? 40  VAL A C   1 
ATOM   329 O O   . VAL A 1 40 ? 0.47715   -0.78606  0.35130   1.000 7.51991  ? 40  VAL A O   1 
ATOM   330 C CB  . VAL A 1 40 ? 3.31765   0.20414   -0.23945  1.000 7.32133  ? 40  VAL A CB  1 
ATOM   331 C CG1 . VAL A 1 40 ? 3.63028   -0.68014  -1.43925  1.000 10.54304 ? 40  VAL A CG1 1 
ATOM   332 C CG2 . VAL A 1 40 ? 4.45634   1.19938   0.02363   1.000 11.54418 ? 40  VAL A CG2 1 
ATOM   333 N N   . LEU A 1 41 ? 0.32029   -0.19142  -1.81517  1.000 6.40900  ? 41  LEU A N   1 
ATOM   334 C CA  . LEU A 1 41 ? -0.71709  -1.17029  -2.11237  1.000 6.28505  ? 41  LEU A CA  1 
ATOM   335 C C   . LEU A 1 41 ? -0.58881  -1.58711  -3.56683  1.000 6.29282  ? 41  LEU A C   1 
ATOM   336 O O   . LEU A 1 41 ? 0.11094   -0.94863  -4.35875  1.000 6.56649  ? 41  LEU A O   1 
ATOM   337 C CB  . LEU A 1 41 ? -2.13547  -0.66222  -1.78828  1.000 7.07959  ? 41  LEU A CB  1 
ATOM   338 C CG  . LEU A 1 41 ? -2.74786  0.43675   -2.64400  1.000 7.75728  ? 41  LEU A CG  1 
ATOM   339 C CD1 . LEU A 1 41 ? -4.25258  0.48248   -2.41101  1.000 9.21846  ? 41  LEU A CD1 1 
ATOM   340 C CD2 . LEU A 1 41 ? -2.12475  1.79822   -2.33659  1.000 9.62568  ? 41  LEU A CD2 1 
ATOM   341 N N   . SER A 1 42 ? -1.24900  -2.67950  -3.93096  1.000 6.93331  ? 42  SER A N   1 
ATOM   342 C CA  . SER A 1 42 ? -1.17911  -3.08984  -5.32644  1.000 7.82676  ? 42  SER A CA  1 
ATOM   343 C C   . SER A 1 42 ? -1.95542  -2.12520  -6.22073  1.000 7.45016  ? 42  SER A C   1 
ATOM   344 O O   . SER A 1 42 ? -2.93087  -1.48319  -5.79900  1.000 7.38825  ? 42  SER A O   1 
ATOM   345 C CB  . SER A 1 42 ? -1.68958  -4.51858  -5.49951  1.000 8.72477  ? 42  SER A CB  1 
ATOM   346 O OG  . SER A 1 42 ? -3.08605  -4.60667  -5.26881  1.000 8.54636  ? 42  SER A OG  1 
ATOM   347 N N   . LYS A 1 43 ? -1.50781  -2.01455  -7.47531  1.000 9.37173  ? 43  LYS A N   1 
ATOM   348 C CA  . LYS A 1 43 ? -2.30295  -1.28989  -8.45866  1.000 10.39807 ? 43  LYS A CA  1 
ATOM   349 C C   . LYS A 1 43 ? -3.69699  -1.88997  -8.57655  1.000 10.65376 ? 43  LYS A C   1 
ATOM   350 O O   . LYS A 1 43 ? -4.68190  -1.16042  -8.70992  1.000 11.40478 ? 43  LYS A O   1 
ATOM   351 C CB  . LYS A 1 43 ? -1.58498  -1.29013  -9.80825  1.000 13.68438 ? 43  LYS A CB  1 
ATOM   352 C CG  . LYS A 1 43 ? -2.28235  -0.47999  -10.90279 1.000 16.75496 ? 43  LYS A CG  1 
ATOM   353 C CD  . LYS A 1 43 ? -2.42219  0.97948   -10.51211 1.000 20.98734 ? 43  LYS A CD  1 
ATOM   354 C CE  . LYS A 1 43 ? -2.71103  1.86035   -11.72398 1.000 23.89430 ? 43  LYS A CE  1 
ATOM   355 N NZ  . LYS A 1 43 ? -3.79505  1.29740   -12.57256 1.000 24.40891 ? 43  LYS A NZ  1 
ATOM   356 N N   . SER A 1 44 ? -3.80580  -3.21596  -8.48532  1.000 9.47552  ? 44  SER A N   1 
ATOM   357 C CA  . SER A 1 44 ? -5.12217  -3.85007  -8.53873  1.000 10.89786 ? 44  SER A CA  1 
ATOM   358 C C   . SER A 1 44 ? -6.03572  -3.33465  -7.43107  1.000 11.93400 ? 44  SER A C   1 
ATOM   359 O O   . SER A 1 44 ? -7.19762  -2.98201  -7.67543  1.000 12.37688 ? 44  SER A O   1 
ATOM   360 C CB  . SER A 1 44 ? -4.94083  -5.36206  -8.43940  1.000 11.16225 ? 44  SER A CB  1 
ATOM   361 O OG  . SER A 1 44 ? -6.17970  -6.04676  -8.44960  1.000 13.97337 ? 44  SER A OG  1 
ATOM   362 N N   . GLU A 1 45 ? -5.53767  -3.28845  -6.19183  1.000 9.50013  ? 45  GLU A N   1 
ATOM   363 C CA  . GLU A 1 45 ? -6.36514  -2.78748  -5.10364  1.000 9.51235  ? 45  GLU A CA  1 
ATOM   364 C C   . GLU A 1 45 ? -6.65163  -1.29634  -5.24775  1.000 10.88421 ? 45  GLU A C   1 
ATOM   365 O O   . GLU A 1 45 ? -7.76801  -0.84236  -4.95507  1.000 11.96275 ? 45  GLU A O   1 
ATOM   366 C CB  . GLU A 1 45 ? -5.74812  -3.09670  -3.74131  1.000 10.22074 ? 45  GLU A CB  1 
ATOM   367 C CG  . GLU A 1 45 ? -6.68933  -2.73656  -2.61392  1.000 11.80472 ? 45  GLU A CG  1 
ATOM   368 C CD  . GLU A 1 45 ? -6.18286  -3.05958  -1.22874  1.000 14.68681 ? 45  GLU A CD  1 
ATOM   369 O OE1 . GLU A 1 45 ? -5.03498  -3.53131  -1.06032  1.000 14.53119 ? 45  GLU A OE1 1 
ATOM   370 O OE2 . GLU A 1 45 ? -6.96035  -2.83133  -0.27322  1.000 16.77218 ? 45  GLU A OE2 1 
ATOM   371 N N   . TRP A 1 46 ? -5.66145  -0.50506  -5.67384  1.000 9.54887  ? 46  TRP A N   1 
ATOM   372 C CA  . TRP A 1 46 ? -5.92624  0.91399   -5.90338  1.000 10.30647 ? 46  TRP A CA  1 
ATOM   373 C C   . TRP A 1 46 ? -7.02851  1.09913   -6.93778  1.000 11.27266 ? 46  TRP A C   1 
ATOM   374 O O   . TRP A 1 46 ? -7.93590  1.92772   -6.75767  1.000 11.63212 ? 46  TRP A O   1 
ATOM   375 C CB  . TRP A 1 46 ? -4.64745  1.60996   -6.35669  1.000 9.70122  ? 46  TRP A CB  1 
ATOM   376 C CG  . TRP A 1 46 ? -4.84305  3.02581   -6.76731  1.000 11.43762 ? 46  TRP A CG  1 
ATOM   377 C CD1 . TRP A 1 46 ? -5.01038  3.50298   -8.03956  1.000 13.83736 ? 46  TRP A CD1 1 
ATOM   378 C CD2 . TRP A 1 46 ? -4.88979  4.15781   -5.89842  1.000 10.20887 ? 46  TRP A CD2 1 
ATOM   379 N NE1 . TRP A 1 46 ? -5.16662  4.87147   -8.00974  1.000 12.59964 ? 46  TRP A NE1 1 
ATOM   380 C CE2 . TRP A 1 46 ? -5.08618  5.30159   -6.71109  1.000 12.08674 ? 46  TRP A CE2 1 
ATOM   381 C CE3 . TRP A 1 46 ? -4.78175  4.32352   -4.51315  1.000 12.15003 ? 46  TRP A CE3 1 
ATOM   382 C CZ2 . TRP A 1 46 ? -5.17651  6.58912   -6.17619  1.000 13.63410 ? 46  TRP A CZ2 1 
ATOM   383 C CZ3 . TRP A 1 46 ? -4.88043  5.60969   -3.98686  1.000 13.67468 ? 46  TRP A CZ3 1 
ATOM   384 C CH2 . TRP A 1 46 ? -5.07006  6.71920   -4.81896  1.000 13.44234 ? 46  TRP A CH2 1 
ATOM   385 N N   . ASP A 1 47 ? -6.94828  0.34702   -8.03899  1.000 11.97952 ? 47  ASP A N   1 
ATOM   386 C CA  . ASP A 1 47 ? -7.96051  0.44870   -9.08798  1.000 14.11181 ? 47  ASP A CA  1 
ATOM   387 C C   . ASP A 1 47 ? -9.31888  0.03632   -8.55916  1.000 15.29456 ? 47  ASP A C   1 
ATOM   388 O O   . ASP A 1 47 ? -10.32860 0.67079   -8.88238  1.000 14.56154 ? 47  ASP A O   1 
ATOM   389 C CB  . ASP A 1 47 ? -7.59470  -0.44421  -10.27057 1.000 14.64079 ? 47  ASP A CB  1 
ATOM   390 C CG  . ASP A 1 47 ? -6.44410  0.09089   -11.07579 1.000 17.29941 ? 47  ASP A CG  1 
ATOM   391 O OD1 . ASP A 1 47 ? -6.07291  1.26416   -10.88234 1.000 20.24894 ? 47  ASP A OD1 1 
ATOM   392 O OD2 . ASP A 1 47 ? -5.89661  -0.68448  -11.89314 1.000 21.74467 ? 47  ASP A OD2 1 
ATOM   393 N N   . SER A 1 48 ? -9.35659  -1.02289  -7.74063  1.000 14.69207 ? 48  SER A N   1 
ATOM   394 C CA  . SER A 1 48 ? -10.58016 -1.42269  -7.05031  1.000 17.15958 ? 48  SER A CA  1 
ATOM   395 C C   . SER A 1 48 ? -11.17687 -0.26532  -6.26653  1.000 15.85199 ? 48  SER A C   1 
ATOM   396 O O   . SER A 1 48 ? -12.37494 0.01888   -6.38229  1.000 16.03642 ? 48  SER A O   1 
ATOM   397 C CB  . SER A 1 48 ? -10.29557 -2.61469  -6.12372  1.000 15.92412 ? 48  SER A CB  1 
ATOM   398 O OG  . SER A 1 48 ? -11.37947 -2.86111  -5.23853  1.000 21.61288 ? 48  SER A OG  1 
ATOM   399 N N   . ILE A 1 49 ? -10.35050 0.42761   -5.47309  1.000 16.59261 ? 49  ILE A N   1 
ATOM   400 C CA  . ILE A 1 49 ? -10.82452 1.57906   -4.70588  1.000 16.50617 ? 49  ILE A CA  1 
ATOM   401 C C   . ILE A 1 49 ? -11.36604 2.66232   -5.64105  1.000 16.70605 ? 49  ILE A C   1 
ATOM   402 O O   . ILE A 1 49 ? -12.46089 3.20627   -5.43432  1.000 15.26532 ? 49  ILE A O   1 
ATOM   403 C CB  . ILE A 1 49 ? -9.70880  2.11189   -3.78262  1.000 16.48499 ? 49  ILE A CB  1 
ATOM   404 C CG1 . ILE A 1 49 ? -9.44167  1.13079   -2.63564  1.000 17.31261 ? 49  ILE A CG1 1 
ATOM   405 C CG2 . ILE A 1 49 ? -10.06849 3.49334   -3.23901  1.000 18.40280 ? 49  ILE A CG2 1 
ATOM   406 C CD1 . ILE A 1 49 ? -8.03875  1.22131   -2.02075  1.000 20.60349 ? 49  ILE A CD1 1 
ATOM   407 N N   . GLN A 1 50 ? -10.62745 2.96987   -6.70771  1.000 13.41517 ? 50  GLN A N   1 
ATOM   408 C CA  . GLN A 1 50 ? -11.02785 4.08023   -7.57017  1.000 15.09928 ? 50  GLN A CA  1 
ATOM   409 C C   . GLN A 1 50 ? -12.26920 3.74054   -8.39129  1.000 16.57783 ? 50  GLN A C   1 
ATOM   410 O O   . GLN A 1 50 ? -13.14586 4.59503   -8.58324  1.000 16.15229 ? 50  GLN A O   1 
ATOM   411 C CB  . GLN A 1 50 ? -9.86863  4.50037   -8.46747  1.000 15.50005 ? 50  GLN A CB  1 
ATOM   412 C CG  . GLN A 1 50 ? -8.65908  5.08232   -7.71136  1.000 16.87636 ? 50  GLN A CG  1 
ATOM   413 C CD  . GLN A 1 50 ? -9.00092  6.28923   -6.84718  1.000 21.18572 ? 50  GLN A CD  1 
ATOM   414 O OE1 . GLN A 1 50 ? -9.81962  7.12398   -7.22289  1.000 24.39168 ? 50  GLN A OE1 1 
ATOM   415 N NE2 . GLN A 1 50 ? -8.35783  6.39057   -5.68775  1.000 25.75880 ? 50  GLN A NE2 1 
ATOM   416 N N   . GLU A 1 51 ? -12.35435 2.50944   -8.90227  1.000 14.27085 ? 51  GLU A N   1 
ATOM   417 C CA  . GLU A 1 51 ? -13.54724 2.08603   -9.62757  1.000 15.03720 ? 51  GLU A CA  1 
ATOM   418 C C   . GLU A 1 51 ? -14.76516 2.09555   -8.71689  1.000 16.83903 ? 51  GLU A C   1 
ATOM   419 O O   . GLU A 1 51 ? -15.85363 2.53595   -9.11588  1.000 16.00535 ? 51  GLU A O   1 
ATOM   420 C CB  . GLU A 1 51 ? -13.34061 0.66812   -10.15901 1.000 14.82945 ? 51  GLU A CB  1 
ATOM   421 C CG  . GLU A 1 51 ? -12.29314 0.52174   -11.25691 1.000 16.36722 ? 51  GLU A CG  1 
ATOM   422 C CD  . GLU A 1 51 ? -11.66053 -0.87377  -11.28122 1.000 16.51798 ? 51  GLU A CD  1 
ATOM   423 O OE1 . GLU A 1 51 ? -12.16055 -1.78375  -10.58463 1.000 18.39075 ? 51  GLU A OE1 1 
ATOM   424 O OE2 . GLU A 1 51 ? -10.65225 -1.05259  -11.99350 1.000 21.30461 ? 51  GLU A OE2 1 
ATOM   425 N N   . THR A 1 52 ? -14.60256 1.59802   -7.49068  1.000 15.33810 ? 52  THR A N   1 
ATOM   426 C CA  . THR A 1 52 ? -15.69929 1.58525   -6.52989  1.000 18.68401 ? 52  THR A CA  1 
ATOM   427 C C   . THR A 1 52 ? -16.17309 2.99776   -6.21415  1.000 19.23758 ? 52  THR A C   1 
ATOM   428 O O   . THR A 1 52 ? -17.37964 3.24929   -6.12303  1.000 21.68277 ? 52  THR A O   1 
ATOM   429 C CB  . THR A 1 52 ? -15.25203 0.86159   -5.25767  1.000 20.67266 ? 52  THR A CB  1 
ATOM   430 O OG1 . THR A 1 52 ? -15.04924 -0.53044  -5.54560  1.000 21.30279 ? 52  THR A OG1 1 
ATOM   431 C CG2 . THR A 1 52 ? -16.29140 1.01114   -4.15366  1.000 23.79335 ? 52  THR A CG2 1 
ATOM   432 N N   . LEU A 1 53 ? -15.23741 3.93280   -6.05359  1.000 18.58968 ? 53  LEU A N   1 
ATOM   433 C CA  . LEU A 1 53 ? -15.60500 5.31650   -5.76188  1.000 20.30437 ? 53  LEU A CA  1 
ATOM   434 C C   . LEU A 1 53 ? -16.43451 5.91944   -6.89295  1.000 22.52775 ? 53  LEU A C   1 
ATOM   435 O O   . LEU A 1 53 ? -17.46199 6.56770   -6.65198  1.000 22.71658 ? 53  LEU A O   1 
ATOM   436 C CB  . LEU A 1 53 ? -14.34430 6.14719   -5.50695  1.000 21.61060 ? 53  LEU A CB  1 
ATOM   437 C CG  . LEU A 1 53 ? -13.85510 6.14512   -4.05767  1.000 26.87433 ? 53  LEU A CG  1 
ATOM   438 C CD1 . LEU A 1 53 ? -12.53495 6.87627   -3.92459  1.000 27.79102 ? 53  LEU A CD1 1 
ATOM   439 C CD2 . LEU A 1 53 ? -14.90099 6.78146   -3.16984  1.000 25.89569 ? 53  LEU A CD2 1 
ATOM   440 N N   . ARG A 1 54 ? -16.00804 5.70831   -8.13981  1.000 18.66614 ? 54  ARG A N   1 
ATOM   441 C CA  . ARG A 1 54 ? -16.73383 6.28681   -9.26618  1.000 22.50354 ? 54  ARG A CA  1 
ATOM   442 C C   . ARG A 1 54 ? -18.08381 5.60801   -9.47306  1.000 23.50514 ? 54  ARG A C   1 
ATOM   443 O O   . ARG A 1 54 ? -19.07836 6.27974   -9.78208  1.000 23.34587 ? 54  ARG A O   1 
ATOM   444 C CB  . ARG A 1 54 ? -15.88937 6.22564   -10.53730 1.000 22.24010 ? 54  ARG A CB  1 
ATOM   445 C CG  . ARG A 1 54 ? -16.46855 7.05355   -11.68007 1.000 25.75227 ? 54  ARG A CG  1 
ATOM   446 C CD  . ARG A 1 54 ? -16.63604 8.51704   -11.27584 1.000 29.82875 ? 54  ARG A CD  1 
ATOM   447 N NE  . ARG A 1 54 ? -17.42338 9.28227   -12.24297 1.000 28.38252 ? 54  ARG A NE  1 
ATOM   448 C CZ  . ARG A 1 54 ? -18.74885 9.40079   -12.20832 1.000 29.96788 ? 54  ARG A CZ  1 
ATOM   449 N NH1 . ARG A 1 54 ? -19.44762 8.79691   -11.25513 1.000 28.68476 ? 54  ARG A NH1 1 
ATOM   450 N NH2 . ARG A 1 54 ? -19.37799 10.11656  -13.13786 1.000 26.83593 ? 54  ARG A NH2 1 
ATOM   451 N N   . ILE A 1 55 ? -18.13705 4.28018   -9.32629  1.000 21.28206 ? 55  ILE A N   1 
ATOM   452 C CA  . ILE A 1 55 ? -19.41126 3.57219   -9.42004  1.000 25.42155 ? 55  ILE A CA  1 
ATOM   453 C C   . ILE A 1 55 ? -20.36383 4.04710   -8.33179  1.000 27.90875 ? 55  ILE A C   1 
ATOM   454 O O   . ILE A 1 55 ? -21.54239 4.31826   -8.59347  1.000 31.41319 ? 55  ILE A O   1 
ATOM   455 C CB  . ILE A 1 55 ? -19.19084 2.04708   -9.37343  1.000 22.27467 ? 55  ILE A CB  1 
ATOM   456 C CG1 . ILE A 1 55 ? -18.58514 1.54779   -10.68891 1.000 21.73080 ? 55  ILE A CG1 1 
ATOM   457 C CG2 . ILE A 1 55 ? -20.49952 1.31816   -9.07675  1.000 27.96264 ? 55  ILE A CG2 1 
ATOM   458 C CD1 . ILE A 1 55 ? -19.51523 1.67171   -11.88724 1.000 23.05584 ? 55  ILE A CD1 1 
ATOM   459 N N   . ALA A 1 56 ? -19.86527 4.17285   -7.09822  1.000 27.71217 ? 56  ALA A N   1 
ATOM   460 C CA  . ALA A 1 56 ? -20.71401 4.61928   -5.99560  1.000 29.16647 ? 56  ALA A CA  1 
ATOM   461 C C   . ALA A 1 56 ? -21.22957 6.03626   -6.22161  1.000 33.31987 ? 56  ALA A C   1 
ATOM   462 O O   . ALA A 1 56 ? -22.36830 6.35466   -5.85550  1.000 35.43440 ? 56  ALA A O   1 
ATOM   463 C CB  . ALA A 1 56 ? -19.96403 4.51734   -4.66733  1.000 27.53816 ? 56  ALA A CB  1 
ATOM   464 N N   . GLN A 1 57 ? -20.41045 6.90461   -6.82110  1.000 29.94148 ? 57  GLN A N   1 
ATOM   465 C CA  . GLN A 1 57 ? -20.88617 8.25107   -7.12708  1.000 32.74773 ? 57  GLN A CA  1 
ATOM   466 C C   . GLN A 1 57 ? -21.99228 8.21894   -8.17539  1.000 34.59626 ? 57  GLN A C   1 
ATOM   467 O O   . GLN A 1 57 ? -22.94876 8.99993   -8.10136  1.000 38.33426 ? 57  GLN A O   1 
ATOM   468 C CB  . GLN A 1 57 ? -19.73172 9.14683   -7.57867  1.000 32.36060 ? 57  GLN A CB  1 
ATOM   469 C CG  . GLN A 1 57 ? -20.15577 10.59409  -7.81163  1.000 36.62759 ? 57  GLN A CG  1 
ATOM   470 C CD  . GLN A 1 57 ? -19.21754 11.36356  -8.72586  1.000 40.54620 ? 57  GLN A CD  1 
ATOM   471 O OE1 . GLN A 1 57 ? -18.29488 10.79840  -9.31614  1.000 41.30687 ? 57  GLN A OE1 1 
ATOM   472 N NE2 . GLN A 1 57 ? -19.45650 12.66553  -8.85074  1.000 40.85402 ? 57  GLN A NE2 1 
ATOM   473 N N   . ASN A 1 58 ? -21.88386 7.31624   -9.15356  1.000 33.50628 ? 58  ASN A N   1 
ATOM   474 C CA  . ASN A 1 58 ? -22.92559 7.19197   -10.16876 1.000 36.08088 ? 58  ASN A CA  1 
ATOM   475 C C   . ASN A 1 58 ? -24.22799 6.67605   -9.56800  1.000 36.82947 ? 58  ASN A C   1 
ATOM   476 O O   . ASN A 1 58 ? -25.31237 7.15131   -9.92538  1.000 38.86556 ? 58  ASN A O   1 
ATOM   477 C CB  . ASN A 1 58 ? -22.44891 6.27355   -11.29624 1.000 32.19915 ? 58  ASN A CB  1 
ATOM   478 C CG  . ASN A 1 58 ? -23.52443 6.01514   -12.33864 1.000 33.83815 ? 58  ASN A CG  1 
ATOM   479 O OD1 . ASN A 1 58 ? -24.11935 4.93679   -12.38307 1.000 33.17569 ? 58  ASN A OD1 1 
ATOM   480 N ND2 . ASN A 1 58 ? -23.77562 7.00631   -13.18740 1.000 35.39269 ? 58  ASN A ND2 1 
ATOM   481 N N   . LYS A 1 59 ? -24.14300 5.71071   -8.65487  1.000 37.87903 ? 59  LYS A N   1 
ATOM   482 C CA  . LYS A 1 59 ? -25.33082 5.11347   -8.04469  1.000 38.61978 ? 59  LYS A CA  1 
ATOM   483 C C   . LYS A 1 59 ? -25.88459 5.99644   -6.92912  1.000 40.58890 ? 59  LYS A C   1 
ATOM   484 O O   . LYS A 1 59 ? -25.71158 7.21611   -6.93846  1.000 43.66608 ? 59  LYS A O   1 
ATOM   485 C CB  . LYS A 1 59 ? -25.02622 3.71624   -7.48582  1.000 39.13975 ? 59  LYS A CB  1 
ATOM   486 C CG  . LYS A 1 59 ? -24.19841 2.79973   -8.38891  1.000 40.20783 ? 59  LYS A CG  1 
ATOM   487 C CD  . LYS A 1 59 ? -24.71474 2.74337   -9.82346  1.000 41.64883 ? 59  LYS A CD  1 
ATOM   488 C CE  . LYS A 1 59 ? -23.63721 2.23511   -10.78682 1.000 36.49903 ? 59  LYS A CE  1 
ATOM   489 N NZ  . LYS A 1 59 ? -23.56385 0.74228   -10.86665 1.000 32.34831 ? 59  LYS A NZ  1 
HETATM 490 O O   . HOH B 2 .  ? 12.98565  6.97074   7.12234   1.000 23.37160 ? 101 HOH A O   1 
HETATM 491 O O   . HOH B 2 .  ? -10.19396 0.13563   -13.89297 1.000 30.78321 ? 102 HOH A O   1 
HETATM 492 O O   . HOH B 2 .  ? -0.48154  0.16955   10.85643  1.000 29.70184 ? 103 HOH A O   1 
HETATM 493 O O   . HOH B 2 .  ? -22.40427 9.09653   -13.00234 1.000 23.45272 ? 104 HOH A O   1 
HETATM 494 O O   . HOH B 2 .  ? -25.79713 6.01397   -14.33645 1.000 35.93453 ? 105 HOH A O   1 
HETATM 495 O O   . HOH B 2 .  ? -13.55455 -3.75843  -6.24042  1.000 14.64097 ? 106 HOH A O   1 
HETATM 496 O O   . HOH B 2 .  ? 8.95411   -12.93133 -2.06203  1.000 27.28502 ? 107 HOH A O   1 
HETATM 497 O O   . HOH B 2 .  ? -2.73821  -4.24432  -2.07037  1.000 11.69447 ? 108 HOH A O   1 
HETATM 498 O O   . HOH B 2 .  ? -2.12114  -7.83510  -8.32491  1.000 23.28837 ? 109 HOH A O   1 
HETATM 499 O O   . HOH B 2 .  ? -7.48857  -4.82796  1.56655   1.000 22.52710 ? 110 HOH A O   1 
HETATM 500 O O   . HOH B 2 .  ? -2.01398  -4.80304  6.06741   1.000 23.40190 ? 111 HOH A O   1 
HETATM 501 O O   . HOH B 2 .  ? 15.59991  -4.51507  -1.61710  1.000 22.12060 ? 112 HOH A O   1 
HETATM 502 O O   . HOH B 2 .  ? -9.57391  -2.19869  -0.47749  1.000 27.10943 ? 113 HOH A O   1 
HETATM 503 O O   . HOH B 2 .  ? 4.52608   -13.57614 -5.66180  1.000 27.26566 ? 114 HOH A O   1 
HETATM 504 O O   . HOH B 2 .  ? 10.80573  -11.19115 -4.19850  1.000 28.71911 ? 115 HOH A O   1 
HETATM 505 O O   . HOH B 2 .  ? 6.86103   -6.96206  7.94300   1.000 13.74966 ? 116 HOH A O   1 
HETATM 506 O O   . HOH B 2 .  ? -12.51500 7.23255   -8.90919  1.000 27.33271 ? 117 HOH A O   1 
HETATM 507 O O   . HOH B 2 .  ? 15.67684  -2.99558  9.23910   1.000 20.79338 ? 118 HOH A O   1 
HETATM 508 O O   . HOH B 2 .  ? 3.27639   -11.18245 -6.80645  1.000 26.98106 ? 119 HOH A O   1 
HETATM 509 O O   . HOH B 2 .  ? 11.93592  4.18505   10.29666  1.000 22.57867 ? 120 HOH A O   1 
HETATM 510 O O   . HOH B 2 .  ? -3.35104  -13.43750 -4.69293  1.000 11.77391 ? 121 HOH A O   1 
HETATM 511 O O   . HOH B 2 .  ? -5.91992  -11.04737 2.27791   1.000 21.30889 ? 122 HOH A O   1 
HETATM 512 O O   . HOH B 2 .  ? -3.53086  -7.35499  -5.71541  1.000 13.36887 ? 123 HOH A O   1 
HETATM 513 O O   . HOH B 2 .  ? 1.18215   -10.02906 7.08742   1.000 32.59640 ? 124 HOH A O   1 
HETATM 514 O O   . HOH B 2 .  ? 8.58411   -14.83623 -7.08511  1.000 32.04275 ? 125 HOH A O   1 
HETATM 515 O O   . HOH B 2 .  ? 0.27082   -3.69579  12.26766  1.000 29.20316 ? 126 HOH A O   1 
HETATM 516 O O   . HOH B 2 .  ? 3.89836   -12.60634 -1.38551  1.000 15.32195 ? 127 HOH A O   1 
HETATM 517 O O   . HOH B 2 .  ? 7.09014   -5.05447  9.99402   1.000 13.43033 ? 128 HOH A O   1 
HETATM 518 O O   . HOH B 2 .  ? -0.60496  -11.12324 -7.18002  1.000 17.83465 ? 129 HOH A O   1 
HETATM 519 O O   . HOH B 2 .  ? 0.38528   -6.87702  2.54246   1.000 16.91697 ? 130 HOH A O   1 
HETATM 520 O O   . HOH B 2 .  ? 3.56849   9.96723   9.44538   1.000 25.53854 ? 131 HOH A O   1 
HETATM 521 O O   . HOH B 2 .  ? -11.26751 -2.29578  -2.45503  1.000 25.52311 ? 132 HOH A O   1 
HETATM 522 O O   . HOH B 2 .  ? 4.63997   -3.74397  12.71743  1.000 22.29871 ? 133 HOH A O   1 
HETATM 523 O O   . HOH B 2 .  ? -6.69382  -3.46696  -11.77661 1.000 28.97782 ? 134 HOH A O   1 
HETATM 524 O O   . HOH B 2 .  ? -5.83511  6.12731   -10.54282 1.000 26.47203 ? 135 HOH A O   1 
HETATM 525 O O   . HOH B 2 .  ? -1.40020  -4.71433  -9.18413  1.000 12.52415 ? 136 HOH A O   1 
HETATM 526 O O   . HOH B 2 .  ? 1.39147   -8.90522  9.00326   1.000 28.24538 ? 137 HOH A O   1 
HETATM 527 O O   . HOH B 2 .  ? 13.01035  -13.28853 -1.23392  1.000 30.76605 ? 138 HOH A O   1 
HETATM 528 O O   . HOH B 2 .  ? -7.25419  -0.24287  -14.52996 1.000 37.64733 ? 139 HOH A O   1 
HETATM 529 O O   . HOH B 2 .  ? 14.18406  -6.31922  -3.14400  1.000 18.22851 ? 140 HOH A O   1 
HETATM 530 O O   . HOH B 2 .  ? 2.70637   -4.91415  11.27141  1.000 20.56452 ? 141 HOH A O   1 
HETATM 531 O O   . HOH B 2 .  ? 12.99117  -8.49164  -1.61453  1.000 15.86061 ? 142 HOH A O   1 
HETATM 532 O O   . HOH B 2 .  ? 13.93468  2.37547   9.56444   1.000 17.35650 ? 143 HOH A O   1 
HETATM 533 O O   . HOH B 2 .  ? 18.37486  4.45858   2.07845   1.000 29.01541 ? 144 HOH A O   1 
HETATM 534 O O   . HOH B 2 .  ? 3.09868   -7.43569  10.20636  1.000 27.10442 ? 145 HOH A O   1 
HETATM 535 O O   . HOH B 2 .  ? -5.13027  -3.34486  6.42295   1.000 30.86013 ? 146 HOH A O   1 
HETATM 536 O O   . HOH B 2 .  ? -2.90773  -4.44255  -11.76838 1.000 26.43313 ? 147 HOH A O   1 
HETATM 537 O O   . HOH B 2 .  ? -7.94839  9.90427   -4.81550  1.000 32.87585 ? 148 HOH A O   1 
HETATM 538 O O   . HOH B 2 .  ? -1.29217  2.49794   9.70295   1.000 30.44109 ? 149 HOH A O   1 
HETATM 539 O O   . HOH B 2 .  ? 21.89769  0.28953   2.24054   1.000 39.69081 ? 150 HOH A O   1 
HETATM 540 O O   . HOH B 2 .  ? -3.68235  5.51383   -13.25358 1.000 34.87450 ? 151 HOH A O   1 
# 
